data_4PSW
#
_entry.id   4PSW
#
_cell.length_a   77.986
_cell.length_b   98.441
_cell.length_c   124.757
_cell.angle_alpha   90.00
_cell.angle_beta   90.00
_cell.angle_gamma   90.00
#
_symmetry.space_group_name_H-M   'P 21 21 21'
#
loop_
_entity.id
_entity.type
_entity.pdbx_description
1 polymer 'Histone acetyltransferase type B catalytic subunit'
2 polymer 'Histone acetyltransferase type B subunit 2'
3 polymer 'Histone H4 type VIII'
4 non-polymer 'COENZYME A'
5 water water
#
loop_
_entity_poly.entity_id
_entity_poly.type
_entity_poly.pdbx_seq_one_letter_code
_entity_poly.pdbx_strand_id
1 'polypeptide(L)'
;NDFKPETWTSSANEALRVSIVGENAVQFSPLFTYPIYGDSEKIYGYKDLIIHLAFDSVTFKPYVNVKYSAKLGDDNIVDV
EKKLLSFLPKDDVIVRDEAKWVDCFAEERKTHNLSDVFEKVSEYSLNGEEFVVYKSSLVDDFARRMHRRVQIFSLLFIEA
ANYIDETDPSWQIYWLLNKKTKELIGFVTTYKYWHYLGAKSFDEDIDKKFRAKISQFLIFPPYQNKGHGSCLYEAIIQSW
LEDKSITEITVEDPNEAFDDLRDRNDIQRLRKLGYDAVFQKHSDLSDEFLESSRKSLKLEERQFNRLVEMLLLLNNS
;
A
2 'polypeptide(L)'
;MENQEKPLSVDEEYDLWKSNVPLMYDFVSETRL(TPO)WPSLTVQWLPTPVQELDGGFIKQELIIGTHTSGEEENYLKFA
EINLPKEILSNEDPQEEAGEEYQSSLPAPRSNIRITAKYEHEEEITRARYMPQDPNIVATINGQGTTFLYSRSEGLQSTL
KFHKDNGYALSFSTLVKGRLLSGSDDHTVALWEVGSGGDPTKPVRTWNDLHSDIINDNKWHNFNKDLFGTVSEDSLLKIN
DVRANNTTIDTVKCPQPFNTLAFSHHSSNLLAAAGMDSYVYLYDLRNMKEPLHHMSGHEDAVNNLEFSTHVDGVVVSSGS
DNRLMMWDLKQIGAEQTPDDAEDGVPELIMVHAGHRSSVNDFDLNPQIPWLVASAEEENILQVWKCSHSLPIVGGPPKVN
KDIIS
;
B
3 'polypeptide(L)' GKGLGKGGAKRHRKVLRDNIQGITKPAIRRLARRGGVK C
#
loop_
_chem_comp.id
_chem_comp.type
_chem_comp.name
_chem_comp.formula
COA non-polymer 'COENZYME A' 'C21 H36 N7 O16 P3 S'
#
# COMPACT_ATOMS: atom_id res chain seq x y z
N ASP A 2 56.39 -11.87 14.81
CA ASP A 2 55.98 -10.50 14.50
C ASP A 2 54.58 -10.18 15.03
N PHE A 3 54.37 -8.91 15.36
CA PHE A 3 53.11 -8.46 15.92
C PHE A 3 52.15 -8.07 14.82
N LYS A 4 51.05 -8.82 14.71
CA LYS A 4 50.04 -8.54 13.70
C LYS A 4 48.68 -8.27 14.34
N PRO A 5 48.51 -7.05 14.90
CA PRO A 5 47.27 -6.63 15.56
C PRO A 5 46.13 -6.46 14.55
N GLU A 6 46.47 -6.42 13.27
CA GLU A 6 45.49 -6.33 12.18
C GLU A 6 44.70 -7.61 12.09
N THR A 7 45.29 -8.70 12.57
CA THR A 7 44.65 -10.01 12.58
C THR A 7 43.56 -10.12 13.65
N TRP A 8 43.37 -9.04 14.41
CA TRP A 8 42.29 -8.97 15.39
C TRP A 8 41.04 -8.34 14.76
N THR A 9 41.15 -8.06 13.46
CA THR A 9 40.02 -7.56 12.69
C THR A 9 39.83 -8.48 11.49
N SER A 10 38.63 -9.01 11.32
CA SER A 10 38.39 -9.99 10.27
C SER A 10 37.17 -9.68 9.45
N SER A 11 37.12 -10.24 8.24
CA SER A 11 35.93 -10.17 7.41
C SER A 11 34.86 -11.06 8.01
N ALA A 12 33.66 -10.52 8.21
CA ALA A 12 32.56 -11.31 8.77
C ALA A 12 32.16 -12.41 7.80
N ASN A 13 32.29 -12.12 6.50
CA ASN A 13 31.96 -13.09 5.46
C ASN A 13 32.91 -14.28 5.43
N GLU A 14 34.14 -14.09 5.93
CA GLU A 14 35.12 -15.17 5.99
C GLU A 14 35.05 -15.91 7.32
N ALA A 15 34.90 -15.16 8.41
CA ALA A 15 34.86 -15.75 9.74
C ALA A 15 33.64 -16.67 9.91
N LEU A 16 32.50 -16.28 9.30
CA LEU A 16 31.27 -17.07 9.42
C LEU A 16 31.30 -18.28 8.48
N ARG A 17 31.44 -19.47 9.08
CA ARG A 17 31.40 -20.72 8.33
C ARG A 17 30.01 -21.32 8.41
N VAL A 18 29.29 -21.32 7.29
CA VAL A 18 27.96 -21.90 7.24
C VAL A 18 28.05 -23.37 6.78
N SER A 19 27.54 -24.29 7.60
CA SER A 19 27.59 -25.71 7.26
C SER A 19 26.20 -26.35 7.16
N ILE A 20 25.99 -27.12 6.10
CA ILE A 20 24.82 -27.99 6.02
C ILE A 20 25.34 -29.41 6.19
N VAL A 21 24.90 -30.08 7.24
CA VAL A 21 25.45 -31.39 7.59
C VAL A 21 24.46 -32.50 7.28
N GLY A 22 24.84 -33.37 6.35
CA GLY A 22 24.04 -34.53 6.01
C GLY A 22 24.93 -35.75 6.18
N GLU A 23 25.15 -36.49 5.09
CA GLU A 23 26.13 -37.57 5.11
C GLU A 23 27.50 -36.96 5.37
N ASN A 24 27.72 -35.76 4.86
CA ASN A 24 28.94 -35.01 5.20
C ASN A 24 28.63 -33.56 5.54
N ALA A 25 29.61 -32.90 6.15
CA ALA A 25 29.51 -31.47 6.43
C ALA A 25 29.96 -30.70 5.19
N VAL A 26 29.04 -29.96 4.59
CA VAL A 26 29.36 -29.09 3.46
C VAL A 26 29.44 -27.65 3.97
N GLN A 27 30.61 -27.03 3.81
CA GLN A 27 30.84 -25.70 4.38
C GLN A 27 30.98 -24.64 3.27
N PHE A 28 30.41 -23.47 3.50
CA PHE A 28 30.44 -22.40 2.50
C PHE A 28 30.30 -21.03 3.17
N SER A 29 30.59 -19.97 2.42
CA SER A 29 30.54 -18.60 2.95
C SER A 29 29.22 -17.90 2.66
N PRO A 30 28.81 -16.98 3.54
CA PRO A 30 27.64 -16.15 3.22
C PRO A 30 28.01 -15.09 2.18
N LEU A 31 27.02 -14.54 1.50
CA LEU A 31 27.26 -13.44 0.57
C LEU A 31 27.16 -12.10 1.31
N PHE A 32 26.37 -12.07 2.38
CA PHE A 32 26.14 -10.85 3.13
C PHE A 32 26.16 -11.14 4.62
N THR A 33 26.72 -10.22 5.41
CA THR A 33 26.69 -10.33 6.87
C THR A 33 26.28 -9.00 7.48
N TYR A 34 26.21 -7.97 6.64
CA TYR A 34 25.92 -6.61 7.08
C TYR A 34 24.64 -6.45 7.92
N PRO A 35 23.59 -7.25 7.64
CA PRO A 35 22.49 -7.02 8.58
C PRO A 35 22.77 -7.61 9.97
N ILE A 36 23.81 -8.46 10.12
CA ILE A 36 24.16 -9.03 11.42
C ILE A 36 25.30 -8.27 12.09
N TYR A 37 26.39 -8.06 11.34
CA TYR A 37 27.61 -7.52 11.93
C TYR A 37 27.97 -6.13 11.42
N GLY A 38 26.99 -5.41 10.88
CA GLY A 38 27.22 -4.04 10.46
C GLY A 38 27.70 -3.84 9.04
N ASP A 39 27.60 -2.60 8.57
CA ASP A 39 27.81 -2.32 7.14
C ASP A 39 29.20 -2.61 6.56
N SER A 40 30.24 -2.46 7.38
CA SER A 40 31.58 -2.74 6.89
C SER A 40 31.82 -4.25 6.82
N GLU A 41 30.91 -5.02 7.43
CA GLU A 41 31.04 -6.48 7.54
C GLU A 41 32.40 -6.88 8.11
N LYS A 42 32.82 -6.18 9.16
CA LYS A 42 34.09 -6.46 9.83
C LYS A 42 33.86 -6.72 11.32
N ILE A 43 34.69 -7.57 11.92
CA ILE A 43 34.58 -7.85 13.35
C ILE A 43 35.91 -7.58 14.05
N TYR A 44 35.87 -6.76 15.10
CA TYR A 44 37.08 -6.31 15.78
C TYR A 44 37.20 -6.91 17.18
N GLY A 45 38.43 -7.17 17.62
CA GLY A 45 38.66 -7.60 18.99
C GLY A 45 38.86 -9.10 19.18
N TYR A 46 38.82 -9.84 18.07
CA TYR A 46 39.00 -11.29 18.12
C TYR A 46 40.17 -11.71 17.23
N LYS A 47 41.12 -12.46 17.80
CA LYS A 47 42.20 -13.01 16.99
C LYS A 47 41.83 -14.42 16.53
N ASP A 48 42.12 -14.73 15.26
CA ASP A 48 41.79 -16.03 14.66
C ASP A 48 40.33 -16.42 14.90
N LEU A 49 39.43 -15.50 14.58
CA LEU A 49 38.02 -15.72 14.84
C LEU A 49 37.41 -16.70 13.84
N ILE A 50 36.65 -17.66 14.34
CA ILE A 50 35.90 -18.58 13.49
C ILE A 50 34.47 -18.74 14.03
N ILE A 51 33.47 -18.42 13.21
CA ILE A 51 32.08 -18.55 13.64
C ILE A 51 31.37 -19.69 12.90
N HIS A 52 31.14 -20.81 13.60
CA HIS A 52 30.41 -21.92 13.00
C HIS A 52 28.90 -21.73 13.16
N LEU A 53 28.20 -21.73 12.03
CA LEU A 53 26.75 -21.79 12.00
C LEU A 53 26.40 -23.01 11.16
N ALA A 54 25.81 -24.03 11.78
CA ALA A 54 25.57 -25.31 11.12
C ALA A 54 24.14 -25.80 11.26
N PHE A 55 23.67 -26.55 10.25
CA PHE A 55 22.28 -27.00 10.19
C PHE A 55 22.24 -28.48 9.75
N ASP A 56 21.41 -29.27 10.41
CA ASP A 56 21.11 -30.63 9.95
C ASP A 56 20.48 -30.54 8.54
N SER A 57 20.92 -31.40 7.62
CA SER A 57 20.49 -31.28 6.23
C SER A 57 18.99 -31.53 6.06
N VAL A 58 18.38 -32.19 7.03
CA VAL A 58 16.95 -32.50 6.97
C VAL A 58 16.06 -31.55 7.80
N THR A 59 16.35 -31.45 9.11
CA THR A 59 15.53 -30.67 10.04
C THR A 59 15.98 -29.21 10.14
N PHE A 60 17.19 -28.94 9.65
CA PHE A 60 17.82 -27.63 9.80
C PHE A 60 17.90 -27.16 11.25
N LYS A 61 18.05 -28.12 12.17
CA LYS A 61 18.30 -27.80 13.56
C LYS A 61 19.63 -27.05 13.62
N PRO A 62 19.61 -25.81 14.13
CA PRO A 62 20.82 -25.01 14.07
C PRO A 62 21.83 -25.24 15.20
N TYR A 63 23.11 -25.01 14.87
CA TYR A 63 24.20 -25.11 15.82
C TYR A 63 25.09 -23.88 15.66
N VAL A 64 25.52 -23.30 16.79
CA VAL A 64 26.45 -22.17 16.77
C VAL A 64 27.66 -22.46 17.66
N ASN A 65 28.86 -22.25 17.13
CA ASN A 65 30.07 -22.29 17.96
C ASN A 65 31.05 -21.19 17.55
N VAL A 66 31.44 -20.35 18.49
CA VAL A 66 32.37 -19.27 18.21
C VAL A 66 33.72 -19.60 18.81
N LYS A 67 34.76 -19.57 17.98
CA LYS A 67 36.13 -19.84 18.45
C LYS A 67 37.09 -18.73 18.07
N TYR A 68 38.14 -18.58 18.88
CA TYR A 68 39.17 -17.58 18.67
C TYR A 68 40.39 -18.00 19.47
N SER A 69 41.57 -17.53 19.09
CA SER A 69 42.77 -17.78 19.87
C SER A 69 42.80 -16.85 21.08
N ALA A 70 42.27 -15.64 20.90
CA ALA A 70 42.27 -14.63 21.95
C ALA A 70 41.22 -13.58 21.64
N LYS A 71 40.93 -12.74 22.62
CA LYS A 71 39.87 -11.74 22.49
C LYS A 71 40.12 -10.55 23.41
N LEU A 72 39.77 -9.35 22.94
CA LEU A 72 39.85 -8.19 23.81
C LEU A 72 38.71 -8.23 24.82
N GLY A 73 39.04 -8.48 26.07
CA GLY A 73 38.09 -8.24 27.15
C GLY A 73 37.76 -6.77 27.10
N ASP A 74 36.47 -6.47 26.96
CA ASP A 74 36.04 -5.11 26.65
C ASP A 74 34.52 -5.11 26.59
N ASP A 75 33.92 -3.94 26.74
CA ASP A 75 32.47 -3.80 26.67
C ASP A 75 32.08 -3.20 25.32
N ASN A 76 32.98 -2.38 24.77
CA ASN A 76 32.84 -1.84 23.43
C ASN A 76 32.95 -2.95 22.36
N ILE A 77 33.53 -4.08 22.76
CA ILE A 77 33.72 -5.23 21.86
C ILE A 77 32.43 -6.04 21.70
N VAL A 78 32.06 -6.30 20.45
CA VAL A 78 30.80 -7.00 20.19
C VAL A 78 30.82 -8.45 20.68
N ASP A 79 29.70 -8.88 21.26
CA ASP A 79 29.48 -10.28 21.59
C ASP A 79 28.99 -10.97 20.32
N VAL A 80 29.94 -11.52 19.57
CA VAL A 80 29.70 -12.15 18.27
C VAL A 80 28.62 -13.23 18.31
N GLU A 81 28.69 -14.06 19.35
CA GLU A 81 27.76 -15.17 19.54
C GLU A 81 26.35 -14.66 19.79
N LYS A 82 26.21 -13.69 20.70
CA LYS A 82 24.90 -13.20 21.09
C LYS A 82 24.23 -12.53 19.90
N LYS A 83 25.03 -11.80 19.11
CA LYS A 83 24.57 -11.16 17.89
C LYS A 83 23.92 -12.16 16.95
N LEU A 84 24.65 -13.24 16.66
CA LEU A 84 24.16 -14.24 15.70
C LEU A 84 22.91 -14.94 16.23
N LEU A 85 22.93 -15.30 17.52
CA LEU A 85 21.80 -15.96 18.15
C LEU A 85 20.52 -15.12 18.11
N SER A 86 20.65 -13.79 18.08
CA SER A 86 19.48 -12.92 18.02
C SER A 86 18.77 -13.00 16.66
N PHE A 87 19.46 -13.54 15.65
CA PHE A 87 18.84 -13.72 14.34
C PHE A 87 18.36 -15.15 14.15
N LEU A 88 18.51 -15.96 15.21
CA LEU A 88 18.11 -17.36 15.16
C LEU A 88 16.94 -17.60 16.12
N PRO A 89 16.21 -18.73 15.96
CA PRO A 89 15.05 -18.95 16.85
C PRO A 89 15.46 -19.07 18.32
N LYS A 90 14.72 -18.40 19.21
CA LYS A 90 15.02 -18.42 20.64
C LYS A 90 14.94 -19.85 21.18
N ASP A 91 15.99 -20.28 21.88
CA ASP A 91 16.02 -21.58 22.54
C ASP A 91 15.78 -22.75 21.59
N ASP A 92 16.21 -22.59 20.33
CA ASP A 92 16.13 -23.68 19.36
C ASP A 92 17.51 -23.95 18.77
N VAL A 93 18.53 -23.27 19.29
CA VAL A 93 19.89 -23.41 18.78
C VAL A 93 20.77 -24.09 19.82
N ILE A 94 21.59 -25.05 19.38
CA ILE A 94 22.56 -25.68 20.28
C ILE A 94 23.86 -24.87 20.18
N VAL A 95 24.48 -24.58 21.32
CA VAL A 95 25.71 -23.79 21.35
C VAL A 95 26.93 -24.59 21.81
N ARG A 96 27.99 -24.58 21.00
CA ARG A 96 29.26 -25.27 21.28
C ARG A 96 29.23 -26.81 21.35
N ASP A 97 28.26 -27.38 22.06
CA ASP A 97 28.23 -28.82 22.29
C ASP A 97 27.79 -29.60 21.04
N GLU A 98 28.76 -29.97 20.20
CA GLU A 98 28.50 -30.69 18.94
C GLU A 98 27.77 -32.01 19.16
N ALA A 99 28.26 -32.80 20.11
CA ALA A 99 27.66 -34.09 20.40
C ALA A 99 26.18 -33.93 20.80
N LYS A 100 25.90 -32.91 21.63
CA LYS A 100 24.52 -32.60 22.01
C LYS A 100 23.67 -32.25 20.79
N TRP A 101 24.28 -31.51 19.86
CA TRP A 101 23.59 -31.12 18.63
C TRP A 101 23.21 -32.34 17.77
N VAL A 102 24.16 -33.25 17.58
CA VAL A 102 23.91 -34.46 16.80
C VAL A 102 22.79 -35.32 17.43
N ASP A 103 22.86 -35.51 18.75
CA ASP A 103 21.83 -36.26 19.47
C ASP A 103 20.44 -35.65 19.25
N CYS A 104 20.39 -34.34 19.12
CA CYS A 104 19.13 -33.61 18.98
C CYS A 104 18.42 -33.90 17.65
N PHE A 105 19.15 -33.73 16.54
CA PHE A 105 18.53 -33.89 15.23
C PHE A 105 18.40 -35.34 14.79
N ALA A 106 19.13 -36.22 15.46
CA ALA A 106 18.93 -37.65 15.25
C ALA A 106 17.51 -37.98 15.71
N GLU A 107 17.19 -37.54 16.93
CA GLU A 107 15.85 -37.72 17.51
C GLU A 107 14.75 -37.05 16.69
N GLU A 108 15.03 -35.84 16.22
CA GLU A 108 14.09 -35.14 15.34
C GLU A 108 13.84 -35.88 14.03
N ARG A 109 14.91 -36.35 13.38
CA ARG A 109 14.78 -37.10 12.13
C ARG A 109 13.82 -38.28 12.26
N LYS A 110 13.67 -38.80 13.48
CA LYS A 110 12.71 -39.86 13.77
C LYS A 110 11.28 -39.34 13.66
N THR A 111 11.06 -38.09 14.04
CA THR A 111 9.73 -37.50 13.96
C THR A 111 9.37 -37.16 12.52
N HIS A 112 8.25 -36.46 12.35
CA HIS A 112 7.68 -36.29 11.02
C HIS A 112 8.39 -35.28 10.12
N ASN A 113 8.35 -35.58 8.83
CA ASN A 113 8.91 -34.75 7.77
C ASN A 113 7.95 -33.63 7.40
N LEU A 114 8.43 -32.64 6.65
CA LEU A 114 7.54 -31.65 6.05
C LEU A 114 6.54 -32.39 5.18
N SER A 115 7.03 -33.42 4.48
CA SER A 115 6.24 -34.20 3.55
C SER A 115 5.07 -34.98 4.17
N ASP A 116 5.00 -35.00 5.50
CA ASP A 116 3.90 -35.67 6.20
C ASP A 116 2.81 -34.67 6.56
N VAL A 117 3.22 -33.43 6.81
CA VAL A 117 2.32 -32.37 7.27
C VAL A 117 1.80 -31.50 6.13
N PHE A 118 2.71 -31.09 5.25
CA PHE A 118 2.41 -30.10 4.22
C PHE A 118 1.65 -30.65 3.02
N GLU A 119 1.12 -29.73 2.23
CA GLU A 119 0.38 -30.06 1.03
C GLU A 119 1.33 -30.22 -0.15
N LYS A 120 1.20 -31.33 -0.88
CA LYS A 120 2.09 -31.60 -2.00
C LYS A 120 1.69 -30.83 -3.27
N VAL A 121 2.68 -30.29 -3.97
CA VAL A 121 2.45 -29.46 -5.16
C VAL A 121 2.80 -30.20 -6.46
N SER A 122 4.04 -30.67 -6.57
CA SER A 122 4.47 -31.42 -7.76
C SER A 122 5.77 -32.17 -7.49
N GLU A 123 6.18 -32.96 -8.49
CA GLU A 123 7.43 -33.71 -8.42
C GLU A 123 8.21 -33.50 -9.70
N TYR A 124 9.53 -33.68 -9.62
CA TYR A 124 10.36 -33.68 -10.82
C TYR A 124 11.60 -34.51 -10.60
N SER A 125 12.17 -34.99 -11.71
CA SER A 125 13.40 -35.74 -11.64
C SER A 125 14.55 -34.90 -12.19
N LEU A 126 15.72 -35.08 -11.59
CA LEU A 126 16.87 -34.25 -11.90
C LEU A 126 18.13 -35.02 -11.50
N ASN A 127 19.09 -35.11 -12.41
CA ASN A 127 20.34 -35.82 -12.16
C ASN A 127 20.12 -37.29 -11.81
N GLY A 128 19.00 -37.84 -12.26
CA GLY A 128 18.64 -39.21 -11.90
C GLY A 128 18.21 -39.31 -10.45
N GLU A 129 17.40 -38.34 -10.01
CA GLU A 129 16.91 -38.30 -8.64
C GLU A 129 15.58 -37.55 -8.57
N GLU A 130 14.71 -37.96 -7.63
CA GLU A 130 13.38 -37.36 -7.53
C GLU A 130 13.32 -36.24 -6.48
N PHE A 131 12.56 -35.19 -6.78
CA PHE A 131 12.37 -34.10 -5.83
C PHE A 131 10.89 -33.73 -5.72
N VAL A 132 10.49 -33.26 -4.53
CA VAL A 132 9.08 -32.89 -4.32
C VAL A 132 8.96 -31.47 -3.79
N VAL A 133 8.02 -30.72 -4.37
CA VAL A 133 7.69 -29.37 -3.91
C VAL A 133 6.44 -29.42 -3.01
N TYR A 134 6.58 -28.90 -1.79
CA TYR A 134 5.46 -28.79 -0.86
C TYR A 134 5.16 -27.33 -0.60
N LYS A 135 3.93 -27.02 -0.20
CA LYS A 135 3.63 -25.66 0.20
C LYS A 135 2.92 -25.68 1.55
N SER A 136 3.00 -24.56 2.25
CA SER A 136 2.34 -24.44 3.54
C SER A 136 2.11 -22.97 3.87
N SER A 137 1.26 -22.71 4.86
CA SER A 137 1.12 -21.39 5.44
C SER A 137 2.20 -21.17 6.50
N LEU A 138 2.26 -19.98 7.07
CA LEU A 138 3.20 -19.68 8.16
C LEU A 138 2.51 -19.60 9.52
N VAL A 139 1.26 -20.03 9.58
CA VAL A 139 0.53 -20.02 10.84
C VAL A 139 0.68 -21.38 11.52
N ASP A 140 0.89 -22.40 10.70
CA ASP A 140 1.19 -23.75 11.17
C ASP A 140 2.41 -23.72 12.09
N ASP A 141 2.28 -24.32 13.27
CA ASP A 141 3.36 -24.32 14.25
C ASP A 141 4.60 -25.02 13.71
N PHE A 142 4.40 -26.12 13.00
CA PHE A 142 5.52 -26.86 12.44
C PHE A 142 6.21 -26.07 11.32
N ALA A 143 5.41 -25.42 10.47
CA ALA A 143 5.94 -24.58 9.40
C ALA A 143 6.70 -23.38 9.95
N ARG A 144 6.21 -22.81 11.05
CA ARG A 144 6.90 -21.72 11.73
C ARG A 144 8.25 -22.17 12.30
N ARG A 145 8.28 -23.35 12.90
CA ARG A 145 9.50 -23.87 13.49
C ARG A 145 10.57 -24.00 12.41
N MET A 146 10.16 -24.47 11.23
CA MET A 146 11.13 -24.69 10.17
C MET A 146 11.56 -23.37 9.56
N HIS A 147 10.59 -22.50 9.29
CA HIS A 147 10.92 -21.23 8.64
C HIS A 147 11.82 -20.36 9.51
N ARG A 148 11.66 -20.44 10.84
CA ARG A 148 12.56 -19.70 11.73
C ARG A 148 13.99 -20.21 11.64
N ARG A 149 14.13 -21.51 11.35
CA ARG A 149 15.45 -22.13 11.24
C ARG A 149 16.17 -21.71 9.95
N VAL A 150 15.44 -21.60 8.85
CA VAL A 150 16.06 -21.36 7.54
C VAL A 150 16.11 -19.88 7.18
N GLN A 151 15.30 -19.08 7.86
CA GLN A 151 15.16 -17.64 7.63
C GLN A 151 16.47 -16.89 7.41
N ILE A 152 17.45 -17.19 8.26
CA ILE A 152 18.70 -16.45 8.25
C ILE A 152 19.40 -16.54 6.89
N PHE A 153 19.14 -17.63 6.15
CA PHE A 153 19.71 -17.80 4.82
C PHE A 153 19.26 -16.67 3.89
N SER A 154 18.06 -16.14 4.12
CA SER A 154 17.60 -15.01 3.32
C SER A 154 18.52 -13.81 3.57
N LEU A 155 18.87 -13.59 4.84
CA LEU A 155 19.74 -12.46 5.17
C LEU A 155 21.15 -12.65 4.62
N LEU A 156 21.64 -13.89 4.67
CA LEU A 156 23.02 -14.21 4.28
C LEU A 156 23.21 -14.33 2.77
N PHE A 157 22.13 -14.50 2.01
CA PHE A 157 22.28 -14.75 0.57
C PHE A 157 21.44 -13.89 -0.38
N ILE A 158 20.54 -13.08 0.16
CA ILE A 158 19.72 -12.18 -0.65
C ILE A 158 19.88 -10.74 -0.17
N GLU A 159 20.47 -9.87 -0.98
CA GLU A 159 20.74 -8.50 -0.54
C GLU A 159 19.44 -7.78 -0.14
N ALA A 160 19.49 -7.03 0.95
CA ALA A 160 18.32 -6.29 1.46
C ALA A 160 17.13 -7.14 1.91
N ALA A 161 17.34 -8.45 2.06
CA ALA A 161 16.30 -9.31 2.64
C ALA A 161 15.89 -8.81 4.02
N ASN A 162 14.62 -8.99 4.38
CA ASN A 162 14.16 -8.77 5.75
C ASN A 162 13.38 -9.99 6.21
N TYR A 163 13.35 -10.23 7.52
CA TYR A 163 12.50 -11.29 8.08
C TYR A 163 11.04 -10.89 7.86
N ILE A 164 10.23 -11.83 7.35
CA ILE A 164 8.84 -11.53 7.05
C ILE A 164 7.95 -11.64 8.30
N ASP A 165 6.72 -11.13 8.18
CA ASP A 165 5.74 -11.17 9.27
C ASP A 165 5.01 -12.52 9.28
N GLU A 166 5.41 -13.40 10.19
CA GLU A 166 4.84 -14.76 10.24
C GLU A 166 3.39 -14.76 10.74
N THR A 167 2.92 -13.64 11.26
CA THR A 167 1.51 -13.54 11.65
C THR A 167 0.63 -13.19 10.45
N ASP A 168 1.24 -12.84 9.32
CA ASP A 168 0.46 -12.43 8.17
C ASP A 168 0.06 -13.66 7.33
N PRO A 169 -1.24 -13.96 7.29
CA PRO A 169 -1.74 -15.21 6.69
C PRO A 169 -1.64 -15.23 5.17
N SER A 170 -1.30 -14.10 4.56
CA SER A 170 -1.14 -14.08 3.11
C SER A 170 0.23 -14.64 2.66
N TRP A 171 1.11 -14.94 3.61
CA TRP A 171 2.37 -15.58 3.28
C TRP A 171 2.15 -17.05 3.00
N GLN A 172 2.68 -17.53 1.87
CA GLN A 172 2.68 -18.97 1.58
C GLN A 172 4.12 -19.38 1.23
N ILE A 173 4.56 -20.51 1.78
CA ILE A 173 5.94 -20.95 1.57
C ILE A 173 6.00 -22.24 0.76
N TYR A 174 6.87 -22.28 -0.25
CA TYR A 174 7.10 -23.53 -0.96
C TYR A 174 8.43 -24.13 -0.52
N TRP A 175 8.40 -25.45 -0.29
CA TRP A 175 9.55 -26.21 0.22
C TRP A 175 10.01 -27.24 -0.81
N LEU A 176 11.30 -27.20 -1.16
CA LEU A 176 11.86 -28.17 -2.11
C LEU A 176 12.65 -29.24 -1.38
N LEU A 177 12.21 -30.50 -1.53
CA LEU A 177 12.80 -31.63 -0.81
C LEU A 177 13.33 -32.71 -1.75
N ASN A 178 14.44 -33.32 -1.34
CA ASN A 178 14.86 -34.57 -1.95
C ASN A 178 13.84 -35.61 -1.49
N LYS A 179 13.21 -36.30 -2.43
CA LYS A 179 12.11 -37.21 -2.08
C LYS A 179 12.54 -38.39 -1.21
N LYS A 180 13.68 -39.01 -1.51
CA LYS A 180 14.12 -40.16 -0.73
C LYS A 180 14.79 -39.77 0.60
N THR A 181 15.71 -38.81 0.56
CA THR A 181 16.49 -38.46 1.75
C THR A 181 15.82 -37.42 2.66
N LYS A 182 14.75 -36.81 2.16
CA LYS A 182 14.00 -35.77 2.90
C LYS A 182 14.79 -34.49 3.18
N GLU A 183 15.95 -34.35 2.54
CA GLU A 183 16.77 -33.15 2.72
C GLU A 183 16.13 -31.92 2.09
N LEU A 184 16.22 -30.79 2.78
CA LEU A 184 15.63 -29.55 2.29
C LEU A 184 16.58 -28.90 1.28
N ILE A 185 16.15 -28.81 0.02
CA ILE A 185 17.02 -28.32 -1.05
C ILE A 185 16.94 -26.80 -1.16
N GLY A 186 15.77 -26.26 -0.92
CA GLY A 186 15.58 -24.81 -0.90
C GLY A 186 14.16 -24.47 -0.51
N PHE A 187 13.84 -23.17 -0.53
CA PHE A 187 12.50 -22.69 -0.17
C PHE A 187 12.18 -21.37 -0.86
N VAL A 188 10.89 -21.08 -0.97
CA VAL A 188 10.44 -19.83 -1.58
C VAL A 188 9.31 -19.23 -0.75
N THR A 189 9.52 -17.99 -0.29
CA THR A 189 8.43 -17.28 0.36
C THR A 189 7.64 -16.49 -0.68
N THR A 190 6.32 -16.66 -0.67
CA THR A 190 5.44 -15.97 -1.62
C THR A 190 4.26 -15.31 -0.92
N TYR A 191 3.71 -14.29 -1.57
CA TYR A 191 2.66 -13.48 -1.00
C TYR A 191 1.58 -13.24 -2.06
N LYS A 192 0.38 -12.86 -1.63
CA LYS A 192 -0.74 -12.55 -2.54
C LYS A 192 -1.25 -11.15 -2.23
N TYR A 193 -1.39 -10.33 -3.27
CA TYR A 193 -2.00 -9.01 -3.11
C TYR A 193 -3.33 -8.97 -3.84
N TRP A 194 -4.32 -8.28 -3.26
CA TRP A 194 -5.59 -8.07 -3.95
C TRP A 194 -5.36 -7.45 -5.31
N HIS A 195 -6.00 -7.99 -6.35
CA HIS A 195 -5.89 -7.38 -7.68
C HIS A 195 -7.23 -6.78 -8.13
N TYR A 196 -7.31 -5.46 -8.20
CA TYR A 196 -8.52 -4.77 -8.63
C TYR A 196 -8.53 -4.68 -10.16
N LEU A 197 -9.55 -5.29 -10.77
CA LEU A 197 -9.60 -5.35 -12.23
C LEU A 197 -10.62 -4.37 -12.80
N GLY A 198 -10.99 -3.37 -12.03
CA GLY A 198 -11.98 -2.41 -12.48
C GLY A 198 -13.34 -2.82 -11.94
N ALA A 199 -14.27 -1.87 -11.92
CA ALA A 199 -15.58 -2.07 -11.28
C ALA A 199 -16.36 -3.22 -11.90
N LYS A 200 -16.38 -3.28 -13.23
CA LYS A 200 -17.18 -4.30 -13.90
C LYS A 200 -16.77 -5.72 -13.47
N SER A 201 -15.47 -6.01 -13.54
CA SER A 201 -14.99 -7.33 -13.18
C SER A 201 -15.17 -7.59 -11.69
N PHE A 202 -14.83 -6.60 -10.88
CA PHE A 202 -14.90 -6.74 -9.42
C PHE A 202 -16.36 -6.99 -8.99
N ASP A 203 -17.29 -6.27 -9.60
CA ASP A 203 -18.70 -6.41 -9.20
C ASP A 203 -19.32 -7.73 -9.67
N GLU A 204 -18.78 -8.29 -10.76
CA GLU A 204 -19.33 -9.52 -11.36
C GLU A 204 -18.90 -10.82 -10.69
N ASP A 205 -17.68 -10.88 -10.16
CA ASP A 205 -17.26 -12.09 -9.45
C ASP A 205 -17.05 -11.84 -7.96
N ILE A 206 -17.71 -12.64 -7.14
CA ILE A 206 -17.57 -12.54 -5.68
C ILE A 206 -16.22 -13.09 -5.22
N ASP A 207 -15.67 -14.02 -6.00
CA ASP A 207 -14.37 -14.63 -5.71
C ASP A 207 -13.22 -13.62 -5.82
N LYS A 208 -12.51 -13.42 -4.70
CA LYS A 208 -11.41 -12.46 -4.63
C LYS A 208 -10.30 -12.83 -5.62
N LYS A 209 -9.76 -11.83 -6.34
CA LYS A 209 -8.64 -12.05 -7.26
C LYS A 209 -7.31 -11.51 -6.71
N PHE A 210 -6.21 -12.17 -7.06
CA PHE A 210 -4.90 -11.84 -6.48
C PHE A 210 -3.77 -11.79 -7.51
N ARG A 211 -2.82 -10.89 -7.28
CA ARG A 211 -1.51 -10.97 -7.92
C ARG A 211 -0.63 -11.80 -6.98
N ALA A 212 -0.12 -12.93 -7.45
CA ALA A 212 0.80 -13.75 -6.63
C ALA A 212 2.22 -13.25 -6.81
N LYS A 213 2.98 -13.13 -5.72
CA LYS A 213 4.35 -12.59 -5.79
C LYS A 213 5.40 -13.52 -5.20
N ILE A 214 6.42 -13.84 -5.97
CA ILE A 214 7.63 -14.49 -5.44
C ILE A 214 8.47 -13.44 -4.70
N SER A 215 8.76 -13.69 -3.42
CA SER A 215 9.55 -12.75 -2.64
C SER A 215 10.97 -13.24 -2.45
N GLN A 216 11.15 -14.24 -1.59
CA GLN A 216 12.50 -14.74 -1.31
C GLN A 216 12.63 -16.14 -1.89
N PHE A 217 13.54 -16.29 -2.83
CA PHE A 217 13.67 -17.51 -3.61
C PHE A 217 15.08 -18.05 -3.39
N LEU A 218 15.19 -19.19 -2.73
CA LEU A 218 16.51 -19.66 -2.34
C LEU A 218 16.71 -21.15 -2.55
N ILE A 219 17.74 -21.47 -3.33
CA ILE A 219 18.27 -22.82 -3.36
C ILE A 219 19.56 -22.80 -2.56
N PHE A 220 19.70 -23.67 -1.56
CA PHE A 220 20.91 -23.66 -0.73
C PHE A 220 22.15 -23.89 -1.58
N PRO A 221 23.25 -23.16 -1.30
CA PRO A 221 24.47 -23.17 -2.11
C PRO A 221 24.99 -24.56 -2.51
N PRO A 222 24.92 -25.59 -1.63
CA PRO A 222 25.42 -26.88 -2.09
C PRO A 222 24.66 -27.45 -3.29
N TYR A 223 23.45 -26.93 -3.55
CA TYR A 223 22.56 -27.54 -4.53
C TYR A 223 22.35 -26.71 -5.79
N GLN A 224 23.01 -25.55 -5.85
CA GLN A 224 22.83 -24.63 -6.98
C GLN A 224 23.52 -25.11 -8.26
N ASN A 225 23.12 -24.52 -9.39
CA ASN A 225 23.72 -24.82 -10.69
C ASN A 225 23.55 -26.28 -11.11
N LYS A 226 22.38 -26.84 -10.82
CA LYS A 226 22.03 -28.20 -11.19
C LYS A 226 20.64 -28.24 -11.80
N GLY A 227 20.02 -27.08 -11.93
CA GLY A 227 18.70 -26.97 -12.53
C GLY A 227 17.55 -26.82 -11.53
N HIS A 228 17.85 -26.91 -10.24
CA HIS A 228 16.80 -26.83 -9.21
C HIS A 228 16.03 -25.52 -9.28
N GLY A 229 16.75 -24.41 -9.42
CA GLY A 229 16.08 -23.11 -9.52
C GLY A 229 15.00 -23.10 -10.60
N SER A 230 15.34 -23.60 -11.79
CA SER A 230 14.39 -23.63 -12.89
C SER A 230 13.20 -24.52 -12.61
N CYS A 231 13.46 -25.72 -12.11
CA CYS A 231 12.40 -26.69 -11.85
C CYS A 231 11.43 -26.20 -10.78
N LEU A 232 11.99 -25.63 -9.72
CA LEU A 232 11.19 -25.09 -8.64
C LEU A 232 10.34 -23.91 -9.12
N TYR A 233 10.97 -23.00 -9.86
CA TYR A 233 10.25 -21.85 -10.42
C TYR A 233 9.09 -22.35 -11.29
N GLU A 234 9.37 -23.32 -12.15
CA GLU A 234 8.33 -23.87 -13.04
C GLU A 234 7.21 -24.58 -12.26
N ALA A 235 7.59 -25.32 -11.21
CA ALA A 235 6.60 -25.98 -10.36
C ALA A 235 5.64 -24.96 -9.73
N ILE A 236 6.19 -23.86 -9.23
CA ILE A 236 5.37 -22.84 -8.57
C ILE A 236 4.47 -22.12 -9.57
N ILE A 237 5.05 -21.68 -10.69
CA ILE A 237 4.28 -21.00 -11.73
C ILE A 237 3.14 -21.89 -12.24
N GLN A 238 3.43 -23.18 -12.45
CA GLN A 238 2.40 -24.11 -12.93
C GLN A 238 1.24 -24.23 -11.92
N SER A 239 1.54 -24.22 -10.63
CA SER A 239 0.47 -24.33 -9.65
C SER A 239 -0.33 -23.03 -9.60
N TRP A 240 0.31 -21.91 -9.94
CA TRP A 240 -0.37 -20.62 -9.96
C TRP A 240 -1.24 -20.45 -11.21
N LEU A 241 -0.80 -21.04 -12.32
CA LEU A 241 -1.58 -21.09 -13.55
C LEU A 241 -2.87 -21.88 -13.34
N GLU A 242 -2.81 -22.89 -12.46
CA GLU A 242 -3.97 -23.71 -12.13
C GLU A 242 -4.88 -23.05 -11.09
N ASP A 243 -4.37 -22.02 -10.41
CA ASP A 243 -5.13 -21.39 -9.33
C ASP A 243 -5.99 -20.25 -9.88
N LYS A 244 -7.31 -20.48 -9.87
CA LYS A 244 -8.30 -19.52 -10.39
C LYS A 244 -8.21 -18.14 -9.74
N SER A 245 -7.79 -18.10 -8.49
CA SER A 245 -7.75 -16.82 -7.77
C SER A 245 -6.58 -15.93 -8.22
N ILE A 246 -5.59 -16.53 -8.89
CA ILE A 246 -4.39 -15.80 -9.28
C ILE A 246 -4.52 -15.26 -10.70
N THR A 247 -4.40 -13.94 -10.85
CA THR A 247 -4.43 -13.30 -12.17
C THR A 247 -3.04 -13.11 -12.78
N GLU A 248 -2.07 -12.71 -11.95
CA GLU A 248 -0.72 -12.42 -12.44
C GLU A 248 0.36 -13.00 -11.56
N ILE A 249 1.47 -13.38 -12.19
CA ILE A 249 2.67 -13.82 -11.47
C ILE A 249 3.64 -12.64 -11.40
N THR A 250 4.05 -12.27 -10.19
CA THR A 250 5.00 -11.16 -10.03
C THR A 250 6.20 -11.61 -9.18
N VAL A 251 7.27 -10.81 -9.20
CA VAL A 251 8.48 -11.09 -8.42
C VAL A 251 8.91 -9.83 -7.70
N GLU A 252 9.31 -9.95 -6.43
CA GLU A 252 9.84 -8.82 -5.66
C GLU A 252 11.32 -8.57 -5.95
N ASP A 253 11.63 -7.34 -6.40
CA ASP A 253 13.00 -6.88 -6.65
C ASP A 253 13.99 -7.97 -7.12
N PRO A 254 13.71 -8.59 -8.27
CA PRO A 254 14.56 -9.71 -8.71
C PRO A 254 15.96 -9.22 -9.07
N ASN A 255 16.97 -10.06 -8.84
CA ASN A 255 18.33 -9.76 -9.28
C ASN A 255 18.58 -10.28 -10.68
N GLU A 256 19.80 -10.08 -11.18
CA GLU A 256 20.13 -10.49 -12.53
C GLU A 256 20.00 -12.00 -12.73
N ALA A 257 20.43 -12.76 -11.73
CA ALA A 257 20.38 -14.22 -11.83
C ALA A 257 18.94 -14.70 -11.89
N PHE A 258 18.07 -14.13 -11.05
CA PHE A 258 16.66 -14.47 -11.15
C PHE A 258 16.02 -13.98 -12.46
N ASP A 259 16.39 -12.77 -12.90
CA ASP A 259 15.98 -12.26 -14.22
C ASP A 259 16.16 -13.32 -15.32
N ASP A 260 17.36 -13.91 -15.37
CA ASP A 260 17.71 -14.84 -16.45
C ASP A 260 16.96 -16.16 -16.33
N LEU A 261 16.84 -16.65 -15.10
CA LEU A 261 16.07 -17.86 -14.83
C LEU A 261 14.62 -17.69 -15.29
N ARG A 262 14.01 -16.58 -14.85
CA ARG A 262 12.62 -16.26 -15.17
C ARG A 262 12.41 -16.16 -16.67
N ASP A 263 13.26 -15.36 -17.33
CA ASP A 263 13.17 -15.19 -18.77
C ASP A 263 13.32 -16.50 -19.54
N ARG A 264 14.23 -17.36 -19.08
CA ARG A 264 14.53 -18.59 -19.81
C ARG A 264 13.33 -19.53 -19.74
N ASN A 265 12.78 -19.66 -18.54
CA ASN A 265 11.59 -20.48 -18.32
C ASN A 265 10.34 -19.93 -19.01
N ASP A 266 10.10 -18.62 -18.90
CA ASP A 266 8.94 -18.00 -19.55
C ASP A 266 8.98 -18.17 -21.08
N ILE A 267 10.15 -17.93 -21.68
CA ILE A 267 10.30 -18.08 -23.14
C ILE A 267 10.00 -19.51 -23.56
N GLN A 268 10.59 -20.43 -22.83
CA GLN A 268 10.42 -21.85 -23.14
C GLN A 268 8.95 -22.24 -23.02
N ARG A 269 8.25 -21.68 -22.02
CA ARG A 269 6.82 -21.90 -21.88
C ARG A 269 6.05 -21.34 -23.09
N LEU A 270 6.41 -20.12 -23.51
CA LEU A 270 5.78 -19.49 -24.68
C LEU A 270 5.93 -20.32 -25.95
N ARG A 271 7.15 -20.75 -26.26
CA ARG A 271 7.41 -21.55 -27.45
C ARG A 271 6.63 -22.86 -27.39
N LYS A 272 6.57 -23.45 -26.20
CA LYS A 272 5.85 -24.71 -25.99
C LYS A 272 4.37 -24.55 -26.33
N LEU A 273 3.81 -23.39 -25.98
CA LEU A 273 2.40 -23.09 -26.24
C LEU A 273 2.17 -22.58 -27.66
N GLY A 274 3.22 -22.56 -28.48
CA GLY A 274 3.09 -22.15 -29.87
C GLY A 274 3.17 -20.65 -30.16
N TYR A 275 3.73 -19.87 -29.23
CA TYR A 275 3.76 -18.42 -29.42
C TYR A 275 4.84 -17.88 -30.38
N ASP A 276 5.71 -18.78 -30.87
CA ASP A 276 6.69 -18.42 -31.92
C ASP A 276 5.94 -18.10 -33.20
N ALA A 277 4.89 -18.87 -33.47
CA ALA A 277 4.09 -18.69 -34.68
C ALA A 277 3.20 -17.45 -34.57
N VAL A 278 2.81 -17.11 -33.35
CA VAL A 278 1.95 -15.96 -33.11
C VAL A 278 2.72 -14.63 -33.23
N PHE A 279 3.80 -14.48 -32.48
CA PHE A 279 4.52 -13.21 -32.43
C PHE A 279 5.45 -12.99 -33.62
N GLN A 280 4.84 -12.68 -34.76
CA GLN A 280 5.55 -12.38 -35.97
C GLN A 280 5.15 -10.99 -36.40
N LYS A 281 6.07 -10.28 -37.07
CA LYS A 281 5.84 -8.93 -37.57
C LYS A 281 4.46 -8.72 -38.21
N HIS A 282 3.98 -9.70 -38.97
CA HIS A 282 2.76 -9.52 -39.75
C HIS A 282 1.52 -10.29 -39.25
N SER A 283 1.65 -11.00 -38.12
CA SER A 283 0.50 -11.70 -37.55
C SER A 283 -0.61 -10.73 -37.13
N ASP A 284 -1.86 -11.19 -37.27
CA ASP A 284 -2.99 -10.50 -36.69
C ASP A 284 -2.79 -10.42 -35.18
N LEU A 285 -2.61 -9.20 -34.68
CA LEU A 285 -2.38 -9.01 -33.24
C LEU A 285 -3.29 -7.91 -32.68
N SER A 286 -4.60 -8.19 -32.69
CA SER A 286 -5.58 -7.24 -32.15
C SER A 286 -5.29 -6.95 -30.67
N ASP A 287 -5.67 -5.76 -30.23
CA ASP A 287 -5.40 -5.36 -28.85
C ASP A 287 -6.06 -6.31 -27.86
N GLU A 288 -7.28 -6.75 -28.16
CA GLU A 288 -7.95 -7.65 -27.24
C GLU A 288 -7.36 -9.07 -27.24
N PHE A 289 -6.74 -9.48 -28.35
CA PHE A 289 -6.04 -10.77 -28.37
C PHE A 289 -4.77 -10.72 -27.50
N LEU A 290 -3.98 -9.65 -27.63
CA LEU A 290 -2.80 -9.46 -26.78
C LEU A 290 -3.16 -9.41 -25.30
N GLU A 291 -4.28 -8.74 -25.01
CA GLU A 291 -4.81 -8.68 -23.64
C GLU A 291 -5.17 -10.08 -23.18
N SER A 292 -5.98 -10.75 -24.00
CA SER A 292 -6.39 -12.12 -23.75
C SER A 292 -5.18 -13.04 -23.59
N SER A 293 -4.16 -12.84 -24.42
CA SER A 293 -2.95 -13.66 -24.35
C SER A 293 -2.23 -13.50 -23.01
N ARG A 294 -1.92 -12.26 -22.66
CA ARG A 294 -1.17 -12.00 -21.43
C ARG A 294 -1.90 -12.54 -20.20
N LYS A 295 -3.22 -12.37 -20.16
CA LYS A 295 -4.03 -12.87 -19.03
C LYS A 295 -4.04 -14.39 -18.96
N SER A 296 -4.16 -15.04 -20.11
CA SER A 296 -4.06 -16.50 -20.19
C SER A 296 -2.73 -16.95 -19.60
N LEU A 297 -1.68 -16.20 -19.92
CA LEU A 297 -0.32 -16.56 -19.50
C LEU A 297 -0.05 -16.16 -18.06
N LYS A 298 -0.87 -15.25 -17.53
CA LYS A 298 -0.72 -14.72 -16.17
C LYS A 298 0.62 -13.98 -16.02
N LEU A 299 1.18 -13.54 -17.14
CA LEU A 299 2.44 -12.82 -17.11
C LEU A 299 2.26 -11.38 -16.69
N GLU A 300 3.21 -10.87 -15.88
CA GLU A 300 3.21 -9.47 -15.49
C GLU A 300 3.39 -8.60 -16.75
N GLU A 301 2.83 -7.40 -16.76
CA GLU A 301 2.76 -6.63 -18.01
C GLU A 301 4.12 -6.27 -18.60
N ARG A 302 5.07 -5.89 -17.75
CA ARG A 302 6.38 -5.48 -18.23
C ARG A 302 7.15 -6.68 -18.79
N GLN A 303 7.16 -7.76 -17.99
CA GLN A 303 7.71 -9.04 -18.41
C GLN A 303 7.09 -9.54 -19.73
N PHE A 304 5.76 -9.47 -19.84
CA PHE A 304 5.08 -9.87 -21.08
C PHE A 304 5.60 -9.11 -22.31
N ASN A 305 5.74 -7.79 -22.18
CA ASN A 305 6.21 -6.99 -23.30
C ASN A 305 7.67 -7.30 -23.67
N ARG A 306 8.52 -7.47 -22.66
CA ARG A 306 9.92 -7.85 -22.89
C ARG A 306 9.96 -9.16 -23.68
N LEU A 307 9.17 -10.14 -23.25
CA LEU A 307 9.12 -11.45 -23.88
C LEU A 307 8.67 -11.41 -25.34
N VAL A 308 7.63 -10.64 -25.64
CA VAL A 308 7.13 -10.54 -27.01
C VAL A 308 8.20 -9.90 -27.91
N GLU A 309 8.80 -8.83 -27.40
CA GLU A 309 9.85 -8.11 -28.13
C GLU A 309 11.01 -9.05 -28.46
N MET A 310 11.38 -9.85 -27.47
CA MET A 310 12.46 -10.82 -27.60
C MET A 310 12.14 -11.85 -28.69
N LEU A 311 10.91 -12.36 -28.66
CA LEU A 311 10.49 -13.39 -29.63
C LEU A 311 10.43 -12.84 -31.05
N LEU A 312 9.96 -11.61 -31.20
CA LEU A 312 10.00 -10.95 -32.50
C LEU A 312 11.42 -10.90 -33.03
N LEU A 313 12.34 -10.42 -32.20
CA LEU A 313 13.74 -10.27 -32.59
C LEU A 313 14.44 -11.61 -32.82
N LEU A 314 14.18 -12.58 -31.95
CA LEU A 314 14.87 -13.88 -31.96
C LEU A 314 14.59 -14.78 -33.18
N ASN A 315 13.32 -14.89 -33.59
CA ASN A 315 12.93 -15.78 -34.69
C ASN A 315 13.07 -15.11 -36.05
N ASN A 316 12.89 -13.79 -36.06
CA ASN A 316 13.49 -12.92 -37.06
C ASN A 316 14.98 -12.91 -36.67
N SER A 317 15.85 -12.31 -37.47
CA SER A 317 17.28 -12.22 -37.09
C SER A 317 17.92 -13.57 -36.77
N PRO B 7 17.15 16.08 8.03
CA PRO B 7 15.99 16.41 8.86
C PRO B 7 15.50 17.85 8.64
N LEU B 8 14.84 18.08 7.50
CA LEU B 8 14.37 19.43 7.15
C LEU B 8 13.24 19.90 8.07
N SER B 9 13.29 21.17 8.46
CA SER B 9 12.17 21.78 9.18
C SER B 9 11.00 21.90 8.21
N VAL B 10 9.82 22.20 8.75
CA VAL B 10 8.63 22.37 7.91
C VAL B 10 8.87 23.39 6.80
N ASP B 11 9.52 24.49 7.14
CA ASP B 11 9.74 25.59 6.21
C ASP B 11 10.81 25.25 5.15
N GLU B 12 11.84 24.51 5.55
CA GLU B 12 12.85 24.05 4.60
C GLU B 12 12.26 23.04 3.60
N GLU B 13 11.39 22.16 4.09
CA GLU B 13 10.72 21.20 3.23
C GLU B 13 9.75 21.89 2.26
N TYR B 14 9.08 22.94 2.73
CA TYR B 14 8.18 23.72 1.88
C TYR B 14 8.97 24.37 0.76
N ASP B 15 10.13 24.91 1.10
CA ASP B 15 10.94 25.61 0.11
C ASP B 15 11.42 24.64 -0.96
N LEU B 16 11.77 23.43 -0.53
CA LEU B 16 12.15 22.36 -1.46
C LEU B 16 10.98 21.99 -2.35
N TRP B 17 9.81 21.78 -1.74
CA TRP B 17 8.59 21.52 -2.51
C TRP B 17 8.35 22.64 -3.52
N LYS B 18 8.45 23.88 -3.07
CA LYS B 18 8.18 25.02 -3.94
C LYS B 18 9.06 24.97 -5.19
N SER B 19 10.34 24.65 -5.00
CA SER B 19 11.29 24.59 -6.12
C SER B 19 10.92 23.55 -7.17
N ASN B 20 10.17 22.52 -6.79
CA ASN B 20 9.79 21.45 -7.72
C ASN B 20 8.40 21.60 -8.33
N VAL B 21 7.66 22.63 -7.93
CA VAL B 21 6.29 22.83 -8.42
C VAL B 21 6.16 22.89 -9.96
N PRO B 22 7.06 23.61 -10.65
CA PRO B 22 6.83 23.68 -12.11
C PRO B 22 6.91 22.31 -12.81
N LEU B 23 7.63 21.36 -12.22
CA LEU B 23 7.77 20.03 -12.81
C LEU B 23 6.62 19.08 -12.44
N MET B 24 6.11 19.23 -11.22
CA MET B 24 5.13 18.29 -10.69
C MET B 24 3.68 18.69 -10.93
N TYR B 25 3.43 19.94 -11.28
CA TYR B 25 2.06 20.42 -11.34
C TYR B 25 1.76 21.14 -12.64
N ASP B 26 0.53 21.03 -13.11
CA ASP B 26 0.05 21.87 -14.21
C ASP B 26 -0.24 23.26 -13.64
N PHE B 27 -0.60 23.30 -12.36
CA PHE B 27 -1.03 24.55 -11.74
C PHE B 27 -1.12 24.44 -10.22
N VAL B 28 -0.64 25.48 -9.54
CA VAL B 28 -0.81 25.61 -8.09
C VAL B 28 -1.13 27.05 -7.78
N SER B 29 -2.20 27.26 -7.02
CA SER B 29 -2.51 28.60 -6.51
C SER B 29 -2.52 28.47 -5.00
N GLU B 30 -1.90 29.42 -4.32
CA GLU B 30 -1.86 29.38 -2.86
C GLU B 30 -2.43 30.69 -2.33
N THR B 31 -3.30 30.59 -1.31
CA THR B 31 -4.03 31.75 -0.77
C THR B 31 -4.05 31.72 0.75
N ARG B 32 -3.67 32.83 1.40
CA ARG B 32 -3.82 32.87 2.85
C ARG B 32 -5.18 33.45 3.23
N LEU B 33 -5.96 32.65 3.95
CA LEU B 33 -7.28 33.10 4.43
C LEU B 33 -7.09 33.82 5.76
N TPO B 34 -7.97 34.77 6.05
CA TPO B 34 -7.85 35.56 7.26
CB TPO B 34 -8.75 36.82 7.20
CG2 TPO B 34 -7.99 37.92 6.48
OG1 TPO B 34 -10.05 36.55 6.64
P TPO B 34 -10.28 36.63 5.01
O1P TPO B 34 -9.43 35.68 4.27
O2P TPO B 34 -11.80 36.18 4.73
O3P TPO B 34 -10.16 38.13 4.44
C TPO B 34 -8.17 34.68 8.48
O TPO B 34 -7.55 34.81 9.54
N TRP B 35 -9.12 33.76 8.30
CA TRP B 35 -9.37 32.71 9.29
C TRP B 35 -9.31 31.36 8.57
N PRO B 36 -8.91 30.30 9.29
CA PRO B 36 -8.90 28.97 8.66
C PRO B 36 -10.30 28.59 8.20
N SER B 37 -10.36 27.78 7.15
CA SER B 37 -11.58 27.07 6.82
C SER B 37 -11.45 25.60 7.25
N LEU B 38 -12.47 25.08 7.90
CA LEU B 38 -12.48 23.68 8.31
C LEU B 38 -13.05 22.84 7.19
N THR B 39 -13.53 23.50 6.13
CA THR B 39 -14.29 22.80 5.11
C THR B 39 -13.97 23.32 3.71
N VAL B 40 -14.06 22.44 2.72
CA VAL B 40 -13.80 22.81 1.33
C VAL B 40 -14.70 21.97 0.45
N GLN B 41 -15.39 22.60 -0.50
CA GLN B 41 -16.09 21.82 -1.50
C GLN B 41 -16.29 22.60 -2.79
N TRP B 42 -15.96 21.99 -3.93
CA TRP B 42 -16.30 22.61 -5.21
C TRP B 42 -17.80 22.51 -5.45
N LEU B 43 -18.38 23.58 -5.97
CA LEU B 43 -19.76 23.54 -6.45
C LEU B 43 -19.74 22.92 -7.85
N PRO B 44 -20.89 22.41 -8.32
CA PRO B 44 -20.91 21.75 -9.64
C PRO B 44 -21.15 22.73 -10.77
N THR B 45 -20.88 24.01 -10.54
CA THR B 45 -20.99 25.02 -11.60
C THR B 45 -20.19 24.60 -12.84
N PRO B 46 -20.85 24.55 -14.01
CA PRO B 46 -20.19 24.10 -15.24
C PRO B 46 -19.04 25.02 -15.60
N VAL B 47 -17.99 24.49 -16.23
CA VAL B 47 -16.89 25.35 -16.64
C VAL B 47 -17.42 26.40 -17.62
N GLN B 48 -16.95 27.63 -17.46
CA GLN B 48 -17.29 28.68 -18.41
C GLN B 48 -16.13 29.63 -18.58
N GLU B 49 -15.71 29.85 -19.82
CA GLU B 49 -14.63 30.81 -20.06
C GLU B 49 -15.16 32.23 -20.01
N LEU B 50 -14.44 33.08 -19.28
CA LEU B 50 -14.82 34.47 -19.10
C LEU B 50 -13.93 35.34 -20.00
N ASP B 51 -14.26 36.61 -20.08
CA ASP B 51 -13.40 37.58 -20.75
C ASP B 51 -11.99 37.53 -20.15
N GLY B 52 -10.97 37.52 -20.99
CA GLY B 52 -9.61 37.45 -20.49
C GLY B 52 -9.05 36.03 -20.51
N GLY B 53 -9.92 35.08 -20.85
CA GLY B 53 -9.48 33.71 -21.00
C GLY B 53 -9.40 32.90 -19.71
N PHE B 54 -9.98 33.42 -18.63
CA PHE B 54 -10.06 32.64 -17.39
C PHE B 54 -11.26 31.69 -17.40
N ILE B 55 -11.14 30.59 -16.68
CA ILE B 55 -12.21 29.60 -16.55
C ILE B 55 -12.82 29.69 -15.17
N LYS B 56 -14.12 30.03 -15.08
CA LYS B 56 -14.77 30.14 -13.78
C LYS B 56 -15.15 28.79 -13.18
N GLN B 57 -14.75 28.59 -11.91
CA GLN B 57 -15.31 27.53 -11.05
C GLN B 57 -15.66 28.19 -9.74
N GLU B 58 -16.41 27.48 -8.88
CA GLU B 58 -16.85 28.05 -7.60
C GLU B 58 -16.59 27.09 -6.45
N LEU B 59 -16.31 27.65 -5.27
CA LEU B 59 -15.85 26.85 -4.12
C LEU B 59 -16.64 27.28 -2.88
N ILE B 60 -16.96 26.34 -2.01
CA ILE B 60 -17.58 26.68 -0.73
C ILE B 60 -16.55 26.52 0.39
N ILE B 61 -16.33 27.59 1.17
CA ILE B 61 -15.50 27.48 2.38
C ILE B 61 -16.19 28.12 3.59
N GLY B 62 -15.57 27.99 4.76
CA GLY B 62 -16.12 28.58 5.95
C GLY B 62 -15.03 29.26 6.75
N THR B 63 -15.40 29.73 7.94
CA THR B 63 -14.42 30.30 8.85
C THR B 63 -14.40 29.46 10.11
N HIS B 64 -13.38 29.70 10.94
CA HIS B 64 -13.40 29.29 12.34
C HIS B 64 -12.67 30.41 13.05
N THR B 65 -13.41 31.33 13.65
CA THR B 65 -12.82 32.52 14.26
C THR B 65 -12.45 32.30 15.72
N SER B 66 -12.75 31.12 16.25
CA SER B 66 -12.62 30.84 17.70
C SER B 66 -13.36 31.84 18.62
N GLY B 67 -14.54 32.26 18.20
CA GLY B 67 -15.38 33.14 19.00
C GLY B 67 -14.97 34.60 18.97
N GLU B 68 -13.91 34.91 18.21
CA GLU B 68 -13.36 36.25 18.15
C GLU B 68 -14.17 37.21 17.29
N GLU B 69 -14.62 36.73 16.13
CA GLU B 69 -15.47 37.54 15.26
C GLU B 69 -16.63 36.67 14.79
N GLU B 70 -17.56 37.30 14.08
CA GLU B 70 -18.61 36.59 13.38
C GLU B 70 -18.00 35.51 12.48
N ASN B 71 -18.65 34.34 12.43
CA ASN B 71 -18.27 33.32 11.48
C ASN B 71 -19.09 33.45 10.20
N TYR B 72 -18.56 32.95 9.09
CA TYR B 72 -19.21 33.10 7.80
C TYR B 72 -19.16 31.84 6.95
N LEU B 73 -20.26 31.54 6.25
CA LEU B 73 -20.22 30.61 5.12
C LEU B 73 -19.85 31.44 3.90
N LYS B 74 -18.82 31.04 3.14
CA LYS B 74 -18.39 31.87 2.01
C LYS B 74 -18.40 31.14 0.67
N PHE B 75 -18.72 31.89 -0.37
CA PHE B 75 -18.68 31.35 -1.72
C PHE B 75 -17.62 32.09 -2.52
N ALA B 76 -16.68 31.33 -3.06
CA ALA B 76 -15.59 31.95 -3.82
C ALA B 76 -15.66 31.60 -5.29
N GLU B 77 -15.43 32.61 -6.12
CA GLU B 77 -15.24 32.40 -7.54
C GLU B 77 -13.75 32.15 -7.75
N ILE B 78 -13.39 30.97 -8.26
CA ILE B 78 -12.01 30.67 -8.63
C ILE B 78 -11.88 30.76 -10.14
N ASN B 79 -11.16 31.77 -10.63
CA ASN B 79 -11.05 31.94 -12.06
C ASN B 79 -9.70 31.45 -12.53
N LEU B 80 -9.70 30.25 -13.13
CA LEU B 80 -8.48 29.52 -13.40
C LEU B 80 -7.94 29.89 -14.77
N PRO B 81 -6.62 29.68 -14.98
CA PRO B 81 -6.06 29.85 -16.33
C PRO B 81 -6.65 28.77 -17.25
N LYS B 82 -6.85 29.13 -18.51
CA LYS B 82 -7.53 28.28 -19.49
C LYS B 82 -6.83 26.94 -19.72
N GLU B 83 -5.51 26.91 -19.53
CA GLU B 83 -4.74 25.70 -19.74
C GLU B 83 -5.08 24.61 -18.73
N ILE B 84 -5.77 24.97 -17.65
CA ILE B 84 -6.14 24.03 -16.60
C ILE B 84 -7.01 22.90 -17.14
N LEU B 85 -7.58 23.12 -18.33
CA LEU B 85 -8.52 22.19 -18.93
C LEU B 85 -7.79 21.14 -19.79
N SER B 86 -6.67 21.55 -20.36
CA SER B 86 -5.89 20.70 -21.26
C SER B 86 -5.42 19.40 -20.61
N PRO B 105 1.02 31.06 -15.44
CA PRO B 105 -0.37 30.76 -15.08
C PRO B 105 -0.74 31.25 -13.68
N ARG B 106 -1.87 31.92 -13.57
CA ARG B 106 -2.34 32.39 -12.28
C ARG B 106 -3.87 32.50 -12.32
N SER B 107 -4.47 32.53 -11.14
CA SER B 107 -5.92 32.63 -11.01
C SER B 107 -6.33 33.94 -10.34
N ASN B 108 -7.55 34.37 -10.62
CA ASN B 108 -8.19 35.45 -9.88
C ASN B 108 -9.12 34.75 -8.90
N ILE B 109 -9.20 35.24 -7.67
CA ILE B 109 -10.11 34.64 -6.69
C ILE B 109 -11.01 35.74 -6.12
N ARG B 110 -12.29 35.46 -6.00
CA ARG B 110 -13.23 36.51 -5.62
C ARG B 110 -14.29 35.93 -4.70
N ILE B 111 -14.41 36.50 -3.50
CA ILE B 111 -15.46 36.06 -2.59
C ILE B 111 -16.75 36.73 -3.04
N THR B 112 -17.70 35.94 -3.52
CA THR B 112 -18.90 36.53 -4.13
C THR B 112 -20.12 36.59 -3.20
N ALA B 113 -20.01 35.94 -2.04
CA ALA B 113 -21.09 35.93 -1.07
C ALA B 113 -20.58 35.45 0.29
N LYS B 114 -21.02 36.11 1.36
CA LYS B 114 -20.69 35.72 2.74
C LYS B 114 -21.99 35.76 3.51
N TYR B 115 -22.29 34.71 4.26
CA TYR B 115 -23.51 34.67 5.05
C TYR B 115 -23.12 34.41 6.49
N GLU B 116 -23.66 35.20 7.40
CA GLU B 116 -23.35 35.03 8.82
C GLU B 116 -23.66 33.62 9.26
N HIS B 117 -22.81 33.09 10.14
CA HIS B 117 -22.98 31.70 10.58
C HIS B 117 -22.79 31.60 12.08
N GLU B 118 -23.63 30.80 12.73
CA GLU B 118 -23.55 30.64 14.17
C GLU B 118 -22.45 29.63 14.50
N GLU B 119 -21.42 30.09 15.21
CA GLU B 119 -20.24 29.27 15.49
C GLU B 119 -19.52 28.86 14.19
N GLU B 120 -18.44 28.11 14.35
CA GLU B 120 -17.64 27.69 13.19
C GLU B 120 -18.37 26.67 12.34
N ILE B 121 -18.04 26.68 11.06
CA ILE B 121 -18.59 25.72 10.14
C ILE B 121 -17.62 24.54 10.05
N THR B 122 -18.01 23.38 10.55
CA THR B 122 -17.12 22.24 10.49
C THR B 122 -17.24 21.54 9.14
N ARG B 123 -18.45 21.53 8.58
CA ARG B 123 -18.69 20.92 7.26
C ARG B 123 -19.74 21.74 6.53
N ALA B 124 -19.55 21.97 5.23
CA ALA B 124 -20.59 22.60 4.42
C ALA B 124 -20.71 21.84 3.10
N ARG B 125 -21.92 21.39 2.78
CA ARG B 125 -22.15 20.54 1.59
C ARG B 125 -23.32 21.06 0.77
N TYR B 126 -23.15 21.13 -0.55
CA TYR B 126 -24.26 21.53 -1.42
C TYR B 126 -25.15 20.33 -1.70
N MET B 127 -26.41 20.62 -1.97
CA MET B 127 -27.37 19.57 -2.33
C MET B 127 -27.24 19.24 -3.83
N PRO B 128 -26.89 17.98 -4.15
CA PRO B 128 -26.57 17.56 -5.52
C PRO B 128 -27.67 17.91 -6.50
N GLN B 129 -28.92 17.68 -6.11
CA GLN B 129 -30.05 17.93 -7.00
C GLN B 129 -30.53 19.38 -6.97
N ASP B 130 -29.98 20.21 -6.08
CA ASP B 130 -30.25 21.65 -6.11
C ASP B 130 -29.12 22.44 -5.45
N PRO B 131 -28.07 22.73 -6.21
CA PRO B 131 -26.89 23.31 -5.57
C PRO B 131 -27.05 24.80 -5.18
N ASN B 132 -28.26 25.34 -5.26
CA ASN B 132 -28.57 26.63 -4.62
C ASN B 132 -28.63 26.43 -3.09
N ILE B 133 -28.81 25.18 -2.67
CA ILE B 133 -28.96 24.84 -1.25
C ILE B 133 -27.65 24.29 -0.73
N VAL B 134 -27.23 24.79 0.44
CA VAL B 134 -26.02 24.30 1.10
C VAL B 134 -26.32 24.01 2.58
N ALA B 135 -25.98 22.79 3.03
CA ALA B 135 -26.18 22.41 4.42
C ALA B 135 -24.87 22.63 5.16
N THR B 136 -24.97 23.07 6.41
CA THR B 136 -23.78 23.20 7.25
C THR B 136 -24.03 22.54 8.58
N ILE B 137 -22.95 22.17 9.26
CA ILE B 137 -23.07 21.74 10.65
C ILE B 137 -22.00 22.50 11.40
N ASN B 138 -22.23 22.78 12.69
CA ASN B 138 -21.34 23.67 13.42
C ASN B 138 -20.71 23.04 14.64
N GLY B 139 -19.99 23.86 15.41
CA GLY B 139 -19.32 23.40 16.63
C GLY B 139 -20.22 23.01 17.80
N GLN B 140 -21.53 23.17 17.65
CA GLN B 140 -22.47 22.71 18.67
C GLN B 140 -23.36 21.59 18.11
N GLY B 141 -23.06 21.14 16.89
CA GLY B 141 -23.87 20.09 16.27
C GLY B 141 -25.19 20.54 15.67
N THR B 142 -25.42 21.85 15.66
CA THR B 142 -26.61 22.38 14.98
C THR B 142 -26.37 22.29 13.47
N THR B 143 -27.39 21.83 12.73
CA THR B 143 -27.35 21.82 11.25
C THR B 143 -28.13 23.03 10.73
N PHE B 144 -27.65 23.63 9.65
CA PHE B 144 -28.35 24.74 9.00
C PHE B 144 -28.50 24.51 7.50
N LEU B 145 -29.57 25.04 6.92
CA LEU B 145 -29.72 25.03 5.47
C LEU B 145 -29.60 26.46 4.97
N TYR B 146 -28.70 26.69 4.02
CA TYR B 146 -28.56 28.03 3.44
C TYR B 146 -28.95 28.00 1.98
N SER B 147 -29.52 29.11 1.51
CA SER B 147 -29.78 29.29 0.09
C SER B 147 -28.75 30.30 -0.45
N ARG B 148 -28.11 29.98 -1.57
CA ARG B 148 -27.17 30.93 -2.16
C ARG B 148 -27.85 32.25 -2.42
N SER B 149 -29.10 32.20 -2.89
CA SER B 149 -29.76 33.42 -3.35
C SER B 149 -30.44 34.20 -2.24
N GLU B 150 -30.67 33.55 -1.08
CA GLU B 150 -31.50 34.16 -0.03
C GLU B 150 -30.92 34.06 1.37
N GLY B 151 -29.82 33.34 1.56
CA GLY B 151 -29.19 33.27 2.87
C GLY B 151 -29.79 32.18 3.76
N LEU B 152 -29.66 32.32 5.08
CA LEU B 152 -30.08 31.25 6.00
C LEU B 152 -31.56 30.93 5.82
N GLN B 153 -31.89 29.65 5.61
CA GLN B 153 -33.31 29.27 5.49
C GLN B 153 -33.86 28.51 6.70
N SER B 154 -33.09 27.58 7.24
CA SER B 154 -33.62 26.72 8.30
C SER B 154 -32.53 26.30 9.26
N THR B 155 -32.95 26.03 10.50
CA THR B 155 -32.07 25.58 11.58
C THR B 155 -32.58 24.21 12.00
N LEU B 156 -31.71 23.20 11.94
CA LEU B 156 -32.11 21.81 12.17
C LEU B 156 -31.41 21.33 13.43
N LYS B 157 -32.11 21.41 14.56
CA LYS B 157 -31.49 21.11 15.86
C LYS B 157 -31.86 19.73 16.41
N PHE B 158 -30.84 18.87 16.51
CA PHE B 158 -30.99 17.59 17.21
C PHE B 158 -29.74 17.30 18.04
N HIS B 159 -28.57 17.27 17.40
CA HIS B 159 -27.31 16.96 18.08
C HIS B 159 -26.99 18.03 19.12
N LYS B 160 -26.37 17.65 20.23
CA LYS B 160 -26.08 18.63 21.28
C LYS B 160 -24.60 19.03 21.37
N ASP B 161 -23.76 18.43 20.53
CA ASP B 161 -22.31 18.67 20.61
C ASP B 161 -21.79 18.82 19.19
N ASN B 162 -20.64 19.46 19.04
CA ASN B 162 -19.88 19.51 17.80
C ASN B 162 -20.10 18.30 16.89
N GLY B 163 -20.34 18.56 15.62
CA GLY B 163 -20.51 17.48 14.65
C GLY B 163 -19.60 17.66 13.45
N TYR B 164 -18.91 16.61 13.06
CA TYR B 164 -18.06 16.68 11.87
C TYR B 164 -18.63 15.90 10.70
N ALA B 165 -19.69 15.14 10.95
CA ALA B 165 -20.25 14.25 9.91
C ALA B 165 -21.45 14.89 9.24
N LEU B 166 -21.42 14.99 7.92
CA LEU B 166 -22.54 15.61 7.20
C LEU B 166 -22.48 15.19 5.74
N SER B 167 -23.56 14.61 5.23
CA SER B 167 -23.51 14.08 3.85
C SER B 167 -24.90 14.09 3.19
N PHE B 168 -24.99 14.67 2.00
CA PHE B 168 -26.21 14.68 1.19
C PHE B 168 -26.22 13.46 0.26
N SER B 169 -27.39 12.83 0.10
CA SER B 169 -27.54 11.75 -0.86
C SER B 169 -27.50 12.26 -2.30
N THR B 170 -26.74 11.58 -3.16
CA THR B 170 -26.80 11.85 -4.60
C THR B 170 -27.99 11.15 -5.24
N LEU B 171 -28.74 10.37 -4.46
CA LEU B 171 -29.77 9.50 -5.06
C LEU B 171 -31.19 9.88 -4.67
N VAL B 172 -31.35 10.57 -3.55
CA VAL B 172 -32.66 11.03 -3.10
C VAL B 172 -32.54 12.50 -2.77
N LYS B 173 -33.31 13.33 -3.45
CA LYS B 173 -33.15 14.75 -3.28
C LYS B 173 -33.51 15.18 -1.85
N GLY B 174 -32.54 15.81 -1.16
CA GLY B 174 -32.81 16.42 0.13
C GLY B 174 -32.60 15.49 1.32
N ARG B 175 -32.22 14.24 1.02
CA ARG B 175 -31.89 13.24 2.05
C ARG B 175 -30.51 13.51 2.61
N LEU B 176 -30.45 13.80 3.92
CA LEU B 176 -29.25 14.37 4.53
C LEU B 176 -28.93 13.62 5.82
N LEU B 177 -27.65 13.29 6.01
CA LEU B 177 -27.22 12.58 7.22
C LEU B 177 -26.26 13.45 8.00
N SER B 178 -26.43 13.51 9.33
CA SER B 178 -25.49 14.24 10.18
C SER B 178 -25.13 13.39 11.40
N GLY B 179 -23.95 13.62 11.95
CA GLY B 179 -23.49 12.84 13.10
C GLY B 179 -22.61 13.69 13.98
N SER B 180 -22.52 13.34 15.26
CA SER B 180 -22.03 14.28 16.25
C SER B 180 -21.07 13.66 17.24
N ASP B 181 -20.27 14.50 17.88
CA ASP B 181 -19.46 14.06 19.00
C ASP B 181 -20.32 13.46 20.11
N ASP B 182 -21.62 13.80 20.12
CA ASP B 182 -22.51 13.24 21.17
C ASP B 182 -22.94 11.79 20.89
N HIS B 183 -22.32 11.15 19.89
CA HIS B 183 -22.53 9.72 19.57
C HIS B 183 -23.78 9.49 18.72
N THR B 184 -24.50 10.55 18.36
CA THR B 184 -25.79 10.37 17.69
C THR B 184 -25.74 10.66 16.19
N VAL B 185 -26.65 10.06 15.43
CA VAL B 185 -26.78 10.27 14.00
C VAL B 185 -28.23 10.65 13.71
N ALA B 186 -28.45 11.57 12.76
CA ALA B 186 -29.80 11.91 12.32
C ALA B 186 -29.97 11.84 10.81
N LEU B 187 -31.16 11.42 10.39
CA LEU B 187 -31.52 11.51 8.98
C LEU B 187 -32.53 12.62 8.82
N TRP B 188 -32.25 13.54 7.89
CA TRP B 188 -33.16 14.65 7.58
C TRP B 188 -33.67 14.50 6.14
N GLU B 189 -34.87 15.02 5.87
CA GLU B 189 -35.37 15.10 4.49
C GLU B 189 -35.75 16.54 4.25
N VAL B 190 -34.91 17.26 3.50
CA VAL B 190 -35.07 18.70 3.37
C VAL B 190 -35.40 19.13 1.96
N GLY B 191 -35.57 18.15 1.07
CA GLY B 191 -35.72 18.42 -0.36
C GLY B 191 -37.15 18.48 -0.82
N SER B 192 -38.02 17.74 -0.12
CA SER B 192 -39.45 17.81 -0.35
C SER B 192 -39.96 19.19 0.09
N GLY B 193 -41.27 19.32 0.15
CA GLY B 193 -41.87 20.51 0.73
C GLY B 193 -42.08 20.29 2.21
N GLY B 194 -42.92 21.10 2.83
CA GLY B 194 -43.21 20.96 4.24
C GLY B 194 -42.09 21.49 5.12
N ASP B 195 -42.12 21.13 6.40
CA ASP B 195 -41.08 21.57 7.32
C ASP B 195 -39.95 20.55 7.38
N PRO B 196 -38.72 21.00 7.09
CA PRO B 196 -37.57 20.10 7.13
C PRO B 196 -36.79 20.17 8.44
N THR B 197 -37.28 20.91 9.44
CA THR B 197 -36.44 21.21 10.61
C THR B 197 -36.44 20.12 11.68
N LYS B 198 -37.20 19.04 11.46
CA LYS B 198 -37.20 17.92 12.39
C LYS B 198 -36.72 16.66 11.68
N PRO B 199 -35.81 15.90 12.32
CA PRO B 199 -35.22 14.73 11.66
C PRO B 199 -36.32 13.69 11.37
N VAL B 200 -36.19 12.90 10.30
CA VAL B 200 -37.19 11.85 10.09
C VAL B 200 -36.79 10.60 10.86
N ARG B 201 -35.50 10.38 11.07
CA ARG B 201 -35.05 9.28 11.94
C ARG B 201 -33.80 9.70 12.72
N THR B 202 -33.66 9.20 13.95
CA THR B 202 -32.44 9.42 14.74
C THR B 202 -31.94 8.10 15.31
N TRP B 203 -30.62 8.02 15.55
CA TRP B 203 -30.05 6.82 16.15
C TRP B 203 -29.18 7.18 17.34
N ASN B 204 -29.49 6.59 18.49
CA ASN B 204 -28.67 6.67 19.69
C ASN B 204 -27.95 5.33 19.91
N ASP B 205 -28.08 4.41 18.96
CA ASP B 205 -27.68 3.01 19.19
C ASP B 205 -26.61 2.52 18.22
N LEU B 206 -26.16 3.40 17.31
CA LEU B 206 -25.21 2.98 16.28
C LEU B 206 -23.79 2.88 16.81
N HIS B 207 -23.42 3.83 17.67
CA HIS B 207 -22.05 3.92 18.16
C HIS B 207 -22.07 4.40 19.59
N SER B 208 -20.99 4.13 20.32
CA SER B 208 -20.94 4.49 21.73
C SER B 208 -19.90 5.60 21.95
N ASP B 209 -19.54 6.33 20.91
CA ASP B 209 -18.54 7.38 21.04
C ASP B 209 -18.72 8.32 19.84
N ILE B 210 -17.85 9.33 19.75
CA ILE B 210 -17.86 10.32 18.67
C ILE B 210 -18.08 9.71 17.29
N ILE B 211 -19.02 10.28 16.53
CA ILE B 211 -19.20 9.91 15.13
C ILE B 211 -18.19 10.70 14.32
N ASN B 212 -17.22 10.01 13.70
CA ASN B 212 -16.19 10.73 12.94
C ASN B 212 -16.66 11.10 11.54
N ASP B 213 -17.51 10.25 10.95
CA ASP B 213 -17.97 10.46 9.58
C ASP B 213 -19.18 9.59 9.26
N ASN B 214 -20.04 10.07 8.36
CA ASN B 214 -21.10 9.27 7.77
C ASN B 214 -21.31 9.60 6.30
N LYS B 215 -21.50 8.59 5.46
CA LYS B 215 -21.56 8.81 4.02
C LYS B 215 -22.60 7.91 3.36
N TRP B 216 -23.28 8.44 2.36
CA TRP B 216 -24.22 7.67 1.57
C TRP B 216 -23.51 6.81 0.52
N HIS B 217 -24.06 5.62 0.25
CA HIS B 217 -23.57 4.78 -0.85
C HIS B 217 -23.88 5.54 -2.15
N ASN B 218 -23.18 5.21 -3.23
CA ASN B 218 -23.43 5.91 -4.50
C ASN B 218 -24.38 5.20 -5.45
N PHE B 219 -24.86 4.00 -5.07
CA PHE B 219 -25.79 3.25 -5.92
C PHE B 219 -27.08 2.79 -5.22
N ASN B 220 -26.98 2.44 -3.94
CA ASN B 220 -28.15 2.01 -3.15
C ASN B 220 -28.66 3.19 -2.33
N LYS B 221 -29.82 3.72 -2.68
CA LYS B 221 -30.30 4.97 -2.08
C LYS B 221 -30.55 4.85 -0.58
N ASP B 222 -30.56 3.62 -0.07
CA ASP B 222 -30.93 3.40 1.33
C ASP B 222 -29.75 3.05 2.21
N LEU B 223 -28.58 2.84 1.60
CA LEU B 223 -27.38 2.41 2.32
C LEU B 223 -26.47 3.58 2.73
N PHE B 224 -26.03 3.60 3.99
CA PHE B 224 -25.00 4.55 4.43
C PHE B 224 -24.00 3.88 5.35
N GLY B 225 -22.81 4.49 5.46
CA GLY B 225 -21.78 3.95 6.35
C GLY B 225 -21.42 4.97 7.40
N THR B 226 -21.05 4.50 8.59
CA THR B 226 -20.63 5.38 9.68
C THR B 226 -19.35 4.86 10.29
N VAL B 227 -18.49 5.77 10.75
CA VAL B 227 -17.30 5.40 11.50
C VAL B 227 -17.23 6.24 12.77
N SER B 228 -16.67 5.65 13.84
CA SER B 228 -16.73 6.29 15.13
C SER B 228 -15.43 6.10 15.90
N GLU B 229 -15.18 6.96 16.89
CA GLU B 229 -14.08 6.76 17.84
C GLU B 229 -14.24 5.46 18.62
N ASP B 230 -15.40 4.80 18.54
CA ASP B 230 -15.54 3.52 19.24
C ASP B 230 -14.90 2.36 18.46
N SER B 231 -14.18 2.69 17.38
CA SER B 231 -13.47 1.69 16.56
C SER B 231 -14.39 0.73 15.79
N LEU B 232 -15.59 1.20 15.48
CA LEU B 232 -16.49 0.44 14.64
C LEU B 232 -16.72 1.17 13.33
N LEU B 233 -16.92 0.41 12.27
CA LEU B 233 -17.45 0.95 11.02
C LEU B 233 -18.72 0.15 10.82
N LYS B 234 -19.82 0.83 10.47
CA LYS B 234 -21.07 0.12 10.28
C LYS B 234 -21.65 0.45 8.93
N ILE B 235 -22.27 -0.54 8.32
CA ILE B 235 -23.00 -0.35 7.07
C ILE B 235 -24.47 -0.46 7.42
N ASN B 236 -25.22 0.59 7.10
CA ASN B 236 -26.59 0.74 7.59
C ASN B 236 -27.65 0.93 6.50
N ASP B 237 -28.87 0.50 6.79
CA ASP B 237 -30.01 0.67 5.88
C ASP B 237 -31.06 1.53 6.59
N VAL B 238 -31.42 2.67 6.00
CA VAL B 238 -32.36 3.60 6.64
C VAL B 238 -33.75 3.02 6.87
N ARG B 239 -34.12 2.02 6.07
CA ARG B 239 -35.46 1.45 6.14
C ARG B 239 -35.60 0.39 7.24
N ALA B 240 -34.50 -0.27 7.57
CA ALA B 240 -34.56 -1.43 8.50
C ALA B 240 -34.78 -1.00 9.95
N ASN B 241 -35.64 -1.74 10.65
CA ASN B 241 -35.86 -1.50 12.06
C ASN B 241 -34.54 -1.61 12.85
N ASN B 242 -33.74 -2.62 12.53
CA ASN B 242 -32.46 -2.88 13.21
C ASN B 242 -31.30 -2.07 12.65
N THR B 243 -31.54 -1.47 11.50
CA THR B 243 -30.61 -0.54 10.82
C THR B 243 -29.37 -1.19 10.23
N THR B 244 -28.53 -1.74 11.10
CA THR B 244 -27.18 -2.14 10.70
C THR B 244 -27.15 -3.50 10.00
N ILE B 245 -26.58 -3.55 8.80
CA ILE B 245 -26.40 -4.83 8.10
C ILE B 245 -24.98 -5.42 8.28
N ASP B 246 -23.98 -4.58 8.49
CA ASP B 246 -22.61 -5.08 8.77
C ASP B 246 -21.89 -4.23 9.80
N THR B 247 -21.12 -4.89 10.68
CA THR B 247 -20.35 -4.20 11.70
C THR B 247 -18.90 -4.66 11.59
N VAL B 248 -17.99 -3.70 11.46
CA VAL B 248 -16.58 -3.98 11.27
C VAL B 248 -15.78 -3.42 12.43
N LYS B 249 -14.94 -4.27 13.03
CA LYS B 249 -14.02 -3.83 14.08
C LYS B 249 -12.79 -3.22 13.44
N CYS B 250 -12.52 -1.95 13.75
CA CYS B 250 -11.46 -1.20 13.07
C CYS B 250 -10.18 -1.32 13.86
N PRO B 251 -9.03 -1.47 13.16
CA PRO B 251 -7.76 -1.73 13.85
C PRO B 251 -7.52 -0.66 14.91
N GLN B 252 -7.68 0.60 14.51
CA GLN B 252 -7.79 1.71 15.46
C GLN B 252 -8.93 2.51 14.84
N PRO B 253 -9.42 3.56 15.53
CA PRO B 253 -10.59 4.24 14.95
C PRO B 253 -10.34 4.79 13.54
N PHE B 254 -11.37 4.69 12.70
CA PHE B 254 -11.33 5.35 11.39
C PHE B 254 -11.95 6.73 11.56
N ASN B 255 -11.36 7.73 10.90
CA ASN B 255 -11.86 9.10 10.92
C ASN B 255 -12.80 9.39 9.77
N THR B 256 -12.73 8.55 8.73
CA THR B 256 -13.39 8.86 7.48
C THR B 256 -13.63 7.59 6.66
N LEU B 257 -14.56 7.67 5.71
CA LEU B 257 -14.79 6.58 4.78
C LEU B 257 -15.26 7.18 3.49
N ALA B 258 -15.25 6.37 2.44
CA ALA B 258 -15.70 6.88 1.15
C ALA B 258 -16.14 5.70 0.33
N PHE B 259 -17.16 5.90 -0.50
CA PHE B 259 -17.64 4.87 -1.38
C PHE B 259 -17.22 5.10 -2.82
N SER B 260 -16.98 4.00 -3.55
CA SER B 260 -16.61 4.09 -4.97
C SER B 260 -17.75 4.73 -5.78
N HIS B 261 -17.39 5.45 -6.84
CA HIS B 261 -18.37 6.01 -7.73
C HIS B 261 -18.54 5.08 -8.91
N HIS B 262 -17.77 4.00 -8.94
CA HIS B 262 -17.85 3.09 -10.09
C HIS B 262 -18.29 1.71 -9.70
N SER B 263 -17.80 1.23 -8.56
CA SER B 263 -18.21 -0.10 -8.06
C SER B 263 -19.24 0.03 -6.94
N SER B 264 -20.30 -0.79 -7.02
CA SER B 264 -21.34 -0.77 -6.01
C SER B 264 -20.90 -1.54 -4.75
N ASN B 265 -19.73 -2.18 -4.78
CA ASN B 265 -19.27 -2.96 -3.63
C ASN B 265 -18.05 -2.41 -2.89
N LEU B 266 -17.40 -1.43 -3.50
CA LEU B 266 -16.10 -1.00 -3.01
C LEU B 266 -16.18 0.25 -2.15
N LEU B 267 -15.45 0.24 -1.03
CA LEU B 267 -15.31 1.45 -0.22
C LEU B 267 -13.93 1.53 0.41
N ALA B 268 -13.63 2.69 0.97
CA ALA B 268 -12.36 2.92 1.63
C ALA B 268 -12.66 3.54 2.99
N ALA B 269 -11.78 3.31 3.96
CA ALA B 269 -11.90 3.89 5.29
C ALA B 269 -10.50 4.01 5.84
N ALA B 270 -10.28 4.99 6.72
CA ALA B 270 -8.94 5.30 7.17
C ALA B 270 -9.02 6.16 8.40
N GLY B 271 -7.98 6.12 9.23
CA GLY B 271 -7.99 6.91 10.44
C GLY B 271 -6.68 6.92 11.19
N MET B 272 -6.76 6.56 12.47
CA MET B 272 -5.64 6.69 13.37
C MET B 272 -4.37 5.91 12.99
N ASP B 273 -4.49 4.68 12.48
CA ASP B 273 -3.26 3.91 12.25
C ASP B 273 -2.47 4.33 10.99
N SER B 274 -3.02 5.31 10.26
CA SER B 274 -2.39 5.95 9.10
C SER B 274 -2.60 5.22 7.77
N TYR B 275 -3.13 4.00 7.82
CA TYR B 275 -3.32 3.22 6.60
C TYR B 275 -4.67 3.49 5.94
N VAL B 276 -4.70 3.48 4.61
CA VAL B 276 -5.98 3.54 3.91
C VAL B 276 -6.45 2.13 3.57
N TYR B 277 -7.54 1.71 4.19
CA TYR B 277 -8.07 0.36 3.99
C TYR B 277 -9.15 0.31 2.90
N LEU B 278 -9.16 -0.77 2.11
CA LEU B 278 -10.24 -1.02 1.17
C LEU B 278 -11.13 -2.20 1.61
N TYR B 279 -12.44 -2.07 1.41
CA TYR B 279 -13.39 -3.13 1.81
C TYR B 279 -14.35 -3.52 0.70
N ASP B 280 -14.79 -4.77 0.72
CA ASP B 280 -15.80 -5.29 -0.20
C ASP B 280 -17.08 -5.44 0.61
N LEU B 281 -18.13 -4.71 0.22
CA LEU B 281 -19.42 -4.76 0.92
C LEU B 281 -20.00 -6.17 1.03
N ARG B 282 -19.63 -7.05 0.08
CA ARG B 282 -20.15 -8.42 0.07
C ARG B 282 -19.49 -9.30 1.12
N ASN B 283 -18.36 -8.83 1.66
CA ASN B 283 -17.59 -9.63 2.61
C ASN B 283 -16.73 -8.71 3.50
N MET B 284 -17.40 -8.06 4.45
CA MET B 284 -16.74 -7.08 5.33
C MET B 284 -15.87 -7.73 6.42
N LYS B 285 -15.81 -9.07 6.44
CA LYS B 285 -15.06 -9.81 7.46
C LYS B 285 -13.59 -9.38 7.57
N GLU B 286 -13.00 -8.99 6.44
CA GLU B 286 -11.62 -8.53 6.44
C GLU B 286 -11.34 -7.58 5.28
N PRO B 287 -10.38 -6.68 5.46
CA PRO B 287 -10.08 -5.69 4.41
C PRO B 287 -9.54 -6.36 3.16
N LEU B 288 -9.81 -5.79 2.00
CA LEU B 288 -9.22 -6.26 0.76
C LEU B 288 -7.71 -6.03 0.80
N HIS B 289 -7.33 -4.87 1.34
CA HIS B 289 -5.95 -4.38 1.25
C HIS B 289 -5.88 -3.15 2.13
N HIS B 290 -4.67 -2.77 2.54
CA HIS B 290 -4.47 -1.44 3.12
C HIS B 290 -3.25 -0.80 2.45
N MET B 291 -3.30 0.51 2.26
CA MET B 291 -2.25 1.22 1.52
C MET B 291 -1.44 2.08 2.48
N SER B 292 -0.12 1.95 2.43
CA SER B 292 0.73 2.67 3.38
C SER B 292 1.43 3.85 2.70
N GLY B 293 1.65 4.93 3.46
CA GLY B 293 2.25 6.13 2.91
C GLY B 293 2.18 7.25 3.93
N HIS B 294 0.98 7.54 4.42
CA HIS B 294 0.81 8.53 5.47
C HIS B 294 1.59 8.20 6.73
N GLU B 295 2.13 9.24 7.35
CA GLU B 295 2.92 9.06 8.56
C GLU B 295 2.15 9.46 9.82
N ASP B 296 0.85 9.72 9.69
CA ASP B 296 0.03 10.11 10.82
C ASP B 296 -1.41 9.80 10.47
N ALA B 297 -2.35 10.20 11.32
CA ALA B 297 -3.76 9.87 11.08
C ALA B 297 -4.25 10.39 9.74
N VAL B 298 -5.09 9.61 9.07
CA VAL B 298 -5.76 10.06 7.85
C VAL B 298 -7.07 10.69 8.27
N ASN B 299 -7.43 11.85 7.69
CA ASN B 299 -8.62 12.54 8.17
C ASN B 299 -9.73 12.69 7.13
N ASN B 300 -9.39 12.52 5.85
CA ASN B 300 -10.35 12.68 4.77
C ASN B 300 -10.02 11.73 3.64
N LEU B 301 -11.04 11.31 2.90
CA LEU B 301 -10.92 10.30 1.84
C LEU B 301 -11.96 10.61 0.77
N GLU B 302 -11.59 10.46 -0.50
CA GLU B 302 -12.55 10.61 -1.59
C GLU B 302 -12.16 9.67 -2.72
N PHE B 303 -13.17 9.08 -3.40
CA PHE B 303 -12.93 8.36 -4.66
C PHE B 303 -13.09 9.38 -5.78
N SER B 304 -12.27 9.27 -6.83
CA SER B 304 -12.44 10.09 -8.02
C SER B 304 -13.76 9.74 -8.72
N THR B 305 -14.50 10.73 -9.18
CA THR B 305 -15.65 10.47 -10.05
C THR B 305 -15.22 10.22 -11.52
N HIS B 306 -13.97 10.51 -11.84
CA HIS B 306 -13.51 10.45 -13.22
C HIS B 306 -12.75 9.18 -13.58
N VAL B 307 -11.99 8.62 -12.64
CA VAL B 307 -11.17 7.45 -12.96
C VAL B 307 -11.45 6.36 -11.93
N ASP B 308 -12.02 5.25 -12.39
CA ASP B 308 -12.28 4.08 -11.55
C ASP B 308 -10.99 3.58 -10.91
N GLY B 309 -10.91 3.62 -9.59
CA GLY B 309 -9.75 3.07 -8.90
C GLY B 309 -8.88 4.13 -8.26
N VAL B 310 -9.14 5.40 -8.58
CA VAL B 310 -8.36 6.48 -7.99
C VAL B 310 -8.95 6.93 -6.67
N VAL B 311 -8.13 6.97 -5.62
CA VAL B 311 -8.57 7.37 -4.28
C VAL B 311 -7.64 8.46 -3.81
N VAL B 312 -8.18 9.46 -3.10
CA VAL B 312 -7.32 10.50 -2.55
C VAL B 312 -7.53 10.61 -1.05
N SER B 313 -6.42 10.75 -0.32
CA SER B 313 -6.44 10.83 1.14
C SER B 313 -5.72 12.06 1.66
N SER B 314 -6.11 12.52 2.85
CA SER B 314 -5.35 13.60 3.50
C SER B 314 -5.22 13.29 4.97
N GLY B 315 -4.24 13.93 5.62
CA GLY B 315 -4.05 13.64 7.02
C GLY B 315 -3.31 14.67 7.85
N SER B 316 -3.05 14.26 9.09
CA SER B 316 -2.41 15.11 10.09
C SER B 316 -0.91 15.13 9.88
N ASP B 317 -0.42 14.41 8.88
CA ASP B 317 0.99 14.54 8.52
C ASP B 317 1.20 15.69 7.51
N ASN B 318 0.14 16.46 7.26
CA ASN B 318 0.16 17.63 6.36
C ASN B 318 0.17 17.25 4.89
N ARG B 319 -0.02 15.96 4.60
CA ARG B 319 0.05 15.49 3.22
C ARG B 319 -1.33 15.14 2.64
N LEU B 320 -1.43 15.27 1.31
CA LEU B 320 -2.49 14.60 0.57
C LEU B 320 -1.83 13.57 -0.32
N MET B 321 -2.46 12.41 -0.47
CA MET B 321 -1.89 11.36 -1.32
C MET B 321 -2.94 10.85 -2.29
N MET B 322 -2.50 10.55 -3.51
CA MET B 322 -3.39 10.04 -4.53
C MET B 322 -3.00 8.59 -4.82
N TRP B 323 -4.00 7.73 -4.90
CA TRP B 323 -3.74 6.30 -4.98
C TRP B 323 -4.44 5.70 -6.20
N ASP B 324 -3.82 4.69 -6.80
CA ASP B 324 -4.44 3.93 -7.88
C ASP B 324 -4.60 2.47 -7.44
N LEU B 325 -5.83 2.08 -7.13
CA LEU B 325 -6.09 0.71 -6.66
C LEU B 325 -5.70 -0.35 -7.69
N LYS B 326 -5.69 0.03 -8.97
CA LYS B 326 -5.31 -0.89 -10.03
C LYS B 326 -3.81 -1.19 -10.04
N GLN B 327 -3.03 -0.46 -9.22
CA GLN B 327 -1.60 -0.77 -9.12
C GLN B 327 -1.25 -1.52 -7.84
N ILE B 328 -2.26 -1.79 -7.00
CA ILE B 328 -2.00 -2.60 -5.80
C ILE B 328 -1.37 -3.92 -6.24
N GLY B 329 -0.27 -4.28 -5.61
CA GLY B 329 0.43 -5.50 -5.96
C GLY B 329 1.24 -5.50 -7.26
N ALA B 330 1.23 -4.41 -8.01
CA ALA B 330 2.02 -4.35 -9.25
C ALA B 330 3.52 -4.57 -8.99
N GLU B 331 4.22 -5.21 -9.94
CA GLU B 331 5.66 -5.40 -9.83
C GLU B 331 6.42 -4.07 -9.99
N GLN B 332 7.44 -3.86 -9.16
CA GLN B 332 8.26 -2.64 -9.22
C GLN B 332 9.73 -3.00 -9.35
N THR B 333 10.53 -2.05 -9.83
CA THR B 333 11.99 -2.14 -9.73
C THR B 333 12.38 -1.76 -8.30
N PRO B 334 13.57 -2.18 -7.84
CA PRO B 334 13.98 -1.87 -6.46
C PRO B 334 14.05 -0.37 -6.17
N ASP B 335 14.54 0.41 -7.13
CA ASP B 335 14.62 1.86 -6.95
C ASP B 335 13.24 2.46 -6.85
N ASP B 336 12.32 1.91 -7.63
CA ASP B 336 10.94 2.37 -7.59
C ASP B 336 10.27 2.04 -6.25
N ALA B 337 10.51 0.85 -5.73
CA ALA B 337 9.91 0.42 -4.45
C ALA B 337 10.42 1.29 -3.29
N GLU B 338 11.62 1.86 -3.45
CA GLU B 338 12.18 2.72 -2.42
C GLU B 338 11.36 3.99 -2.20
N ASP B 339 10.58 4.40 -3.21
CA ASP B 339 9.77 5.62 -3.10
C ASP B 339 8.35 5.34 -2.61
N GLY B 340 8.01 4.08 -2.36
CA GLY B 340 6.68 3.77 -1.88
C GLY B 340 6.04 2.60 -2.59
N VAL B 341 4.90 2.15 -2.05
CA VAL B 341 4.10 1.08 -2.66
C VAL B 341 3.63 1.49 -4.07
N PRO B 342 3.42 0.50 -4.96
CA PRO B 342 3.08 0.85 -6.34
C PRO B 342 1.77 1.64 -6.48
N GLU B 343 0.81 1.47 -5.57
CA GLU B 343 -0.49 2.17 -5.68
C GLU B 343 -0.39 3.67 -5.41
N LEU B 344 0.73 4.11 -4.84
CA LEU B 344 0.93 5.53 -4.61
C LEU B 344 1.27 6.23 -5.93
N ILE B 345 0.40 7.18 -6.33
CA ILE B 345 0.58 7.94 -7.58
C ILE B 345 1.39 9.21 -7.34
N MET B 346 1.03 9.92 -6.27
CA MET B 346 1.63 11.22 -6.01
C MET B 346 1.31 11.72 -4.60
N VAL B 347 2.26 12.46 -4.04
CA VAL B 347 2.11 13.11 -2.75
C VAL B 347 2.06 14.62 -2.98
N HIS B 348 1.04 15.28 -2.43
CA HIS B 348 1.00 16.74 -2.39
C HIS B 348 1.61 17.17 -1.05
N ALA B 349 2.77 17.82 -1.08
CA ALA B 349 3.41 18.26 0.14
C ALA B 349 3.40 19.79 0.27
N GLY B 350 2.44 20.43 -0.40
CA GLY B 350 2.32 21.88 -0.34
C GLY B 350 1.88 22.47 0.99
N HIS B 351 1.20 21.68 1.83
CA HIS B 351 0.71 22.23 3.09
C HIS B 351 1.73 22.19 4.21
N ARG B 352 1.65 23.15 5.14
CA ARG B 352 2.62 23.24 6.22
C ARG B 352 1.99 22.93 7.58
N SER B 353 0.77 22.39 7.56
CA SER B 353 0.06 22.01 8.79
C SER B 353 -1.02 21.02 8.38
N SER B 354 -1.67 20.37 9.34
CA SER B 354 -2.66 19.33 9.04
C SER B 354 -3.73 19.82 8.08
N VAL B 355 -4.18 18.92 7.20
CA VAL B 355 -5.14 19.26 6.18
C VAL B 355 -6.53 19.21 6.81
N ASN B 356 -7.26 20.32 6.77
CA ASN B 356 -8.61 20.35 7.32
C ASN B 356 -9.60 19.60 6.44
N ASP B 357 -9.49 19.79 5.13
CA ASP B 357 -10.44 19.23 4.18
C ASP B 357 -9.88 19.41 2.76
N PHE B 358 -10.42 18.66 1.81
CA PHE B 358 -10.03 18.83 0.42
C PHE B 358 -11.21 18.37 -0.42
N ASP B 359 -11.26 18.77 -1.69
CA ASP B 359 -12.31 18.29 -2.59
C ASP B 359 -11.78 18.16 -4.01
N LEU B 360 -12.16 17.07 -4.68
CA LEU B 360 -11.86 16.85 -6.08
C LEU B 360 -12.91 17.59 -6.91
N ASN B 361 -12.45 18.38 -7.88
CA ASN B 361 -13.38 19.11 -8.73
C ASN B 361 -14.14 18.14 -9.65
N PRO B 362 -15.48 18.15 -9.58
CA PRO B 362 -16.24 17.20 -10.40
C PRO B 362 -16.32 17.54 -11.90
N GLN B 363 -15.95 18.77 -12.29
CA GLN B 363 -16.03 19.13 -13.71
C GLN B 363 -14.66 19.05 -14.37
N ILE B 364 -13.60 19.19 -13.58
CA ILE B 364 -12.23 19.26 -14.13
C ILE B 364 -11.36 18.18 -13.46
N PRO B 365 -11.15 17.07 -14.17
CA PRO B 365 -10.45 15.90 -13.61
C PRO B 365 -9.06 16.32 -13.11
N TRP B 366 -8.69 15.91 -11.90
CA TRP B 366 -7.38 16.17 -11.28
C TRP B 366 -7.20 17.55 -10.62
N LEU B 367 -8.21 18.42 -10.72
CA LEU B 367 -8.17 19.70 -10.00
C LEU B 367 -8.62 19.47 -8.56
N VAL B 368 -7.84 19.96 -7.60
CA VAL B 368 -8.09 19.72 -6.18
C VAL B 368 -8.09 21.06 -5.46
N ALA B 369 -8.93 21.20 -4.43
CA ALA B 369 -8.80 22.33 -3.53
C ALA B 369 -8.55 21.71 -2.18
N SER B 370 -7.55 22.19 -1.44
CA SER B 370 -7.29 21.67 -0.10
C SER B 370 -6.94 22.82 0.81
N ALA B 371 -7.42 22.73 2.06
CA ALA B 371 -7.19 23.77 3.05
C ALA B 371 -6.49 23.17 4.27
N GLU B 372 -5.54 23.92 4.84
CA GLU B 372 -4.82 23.43 6.02
C GLU B 372 -5.17 24.22 7.26
N GLU B 373 -4.79 23.67 8.41
CA GLU B 373 -5.05 24.27 9.73
C GLU B 373 -4.62 25.74 9.83
N GLU B 374 -3.43 26.05 9.32
CA GLU B 374 -2.90 27.41 9.42
C GLU B 374 -3.24 28.30 8.22
N ASN B 375 -4.53 28.40 7.92
CA ASN B 375 -5.08 29.47 7.07
C ASN B 375 -4.75 29.43 5.58
N ILE B 376 -4.17 28.34 5.09
CA ILE B 376 -3.80 28.26 3.68
C ILE B 376 -4.80 27.44 2.89
N LEU B 377 -5.25 27.99 1.77
CA LEU B 377 -6.03 27.25 0.80
C LEU B 377 -5.19 27.13 -0.45
N GLN B 378 -5.07 25.90 -0.95
CA GLN B 378 -4.34 25.68 -2.18
C GLN B 378 -5.25 25.09 -3.23
N VAL B 379 -5.11 25.58 -4.45
CA VAL B 379 -5.84 25.00 -5.57
C VAL B 379 -4.76 24.50 -6.50
N TRP B 380 -4.83 23.22 -6.85
CA TRP B 380 -3.74 22.59 -7.58
C TRP B 380 -4.16 21.45 -8.49
N LYS B 381 -3.35 21.23 -9.53
CA LYS B 381 -3.57 20.11 -10.43
C LYS B 381 -2.23 19.46 -10.77
N CYS B 382 -2.13 18.14 -10.57
CA CYS B 382 -0.89 17.41 -10.83
C CYS B 382 -0.51 17.48 -12.29
N SER B 383 0.73 17.13 -12.58
CA SER B 383 1.23 17.17 -13.96
C SER B 383 0.43 16.23 -14.87
N HIS B 384 0.03 16.72 -16.04
CA HIS B 384 -0.66 15.89 -17.03
C HIS B 384 0.27 14.81 -17.59
N SER B 385 1.56 14.95 -17.29
CA SER B 385 2.55 13.97 -17.72
C SER B 385 2.50 12.67 -16.90
N LEU B 386 1.91 12.74 -15.71
CA LEU B 386 1.67 11.53 -14.92
C LEU B 386 0.83 10.52 -15.71
N PRO B 387 1.31 9.26 -15.80
CA PRO B 387 0.66 8.20 -16.58
C PRO B 387 -0.81 8.02 -16.24
N ILE B 388 -1.19 8.24 -14.99
CA ILE B 388 -2.57 8.00 -14.56
C ILE B 388 -3.61 8.92 -15.25
N VAL B 389 -3.20 10.13 -15.64
CA VAL B 389 -4.15 11.01 -16.32
C VAL B 389 -4.25 10.67 -17.82
N GLY B 390 -3.18 10.05 -18.35
CA GLY B 390 -3.19 9.52 -19.71
C GLY B 390 -3.43 10.56 -20.78
N GLY C 1 5.48 -2.61 5.74
CA GLY C 1 6.03 -3.50 4.73
C GLY C 1 5.15 -4.70 4.46
N LYS C 2 3.91 -4.43 4.04
CA LYS C 2 2.96 -5.49 3.76
C LYS C 2 3.49 -6.44 2.67
N GLY C 3 3.75 -7.68 3.06
CA GLY C 3 4.20 -8.69 2.12
C GLY C 3 5.62 -8.50 1.61
N LEU C 4 6.40 -7.67 2.30
CA LEU C 4 7.77 -7.42 1.84
C LEU C 4 8.75 -8.45 2.42
N GLY C 5 9.61 -8.99 1.55
CA GLY C 5 10.69 -9.86 1.99
C GLY C 5 12.07 -9.32 1.62
N LYS C 6 12.07 -8.24 0.84
CA LYS C 6 13.32 -7.58 0.45
C LYS C 6 13.24 -6.08 0.70
N GLY C 7 12.60 -5.70 1.80
CA GLY C 7 12.40 -4.30 2.12
C GLY C 7 13.46 -3.72 3.06
N GLY C 8 14.53 -4.48 3.29
CA GLY C 8 15.62 -4.01 4.14
C GLY C 8 16.55 -3.05 3.43
N ALA C 9 17.53 -2.53 4.16
CA ALA C 9 18.51 -1.63 3.56
C ALA C 9 19.49 -2.41 2.69
N LYS C 10 20.00 -1.77 1.63
CA LYS C 10 21.08 -2.36 0.84
C LYS C 10 22.39 -2.15 1.58
N ARG C 11 23.45 -2.82 1.16
CA ARG C 11 24.75 -2.62 1.79
C ARG C 11 25.23 -1.17 1.67
N HIS C 12 25.25 -0.66 0.44
CA HIS C 12 25.62 0.74 0.21
C HIS C 12 24.71 1.38 -0.81
N ARG C 13 24.46 2.68 -0.64
CA ARG C 13 23.73 3.44 -1.65
C ARG C 13 24.68 3.63 -2.84
N LYS C 14 24.14 3.64 -4.05
CA LYS C 14 24.99 3.75 -5.22
C LYS C 14 25.32 5.21 -5.52
N VAL C 15 26.50 5.44 -6.09
CA VAL C 15 26.97 6.81 -6.33
C VAL C 15 26.70 7.30 -7.77
N LEU C 16 26.64 6.36 -8.72
CA LEU C 16 26.42 6.69 -10.12
C LEU C 16 24.92 6.53 -10.45
N ARG C 17 24.29 7.57 -10.99
CA ARG C 17 22.86 7.52 -11.31
C ARG C 17 22.62 7.09 -12.75
N ASP C 18 21.79 6.06 -12.92
CA ASP C 18 21.37 5.60 -14.23
C ASP C 18 20.25 6.50 -14.70
N ASN C 19 19.87 7.41 -13.80
CA ASN C 19 18.83 8.40 -14.04
C ASN C 19 19.36 9.82 -13.91
N ILE C 20 20.42 10.14 -14.67
CA ILE C 20 20.80 11.53 -14.86
C ILE C 20 19.72 12.12 -15.77
N GLN C 21 18.99 11.22 -16.41
CA GLN C 21 17.80 11.55 -17.18
C GLN C 21 16.64 11.91 -16.25
N GLY C 22 16.75 13.07 -15.61
CA GLY C 22 15.67 13.67 -14.86
C GLY C 22 15.07 14.77 -15.71
N ILE C 23 14.00 15.40 -15.22
CA ILE C 23 13.27 16.40 -16.00
C ILE C 23 12.69 15.78 -17.29
N THR C 24 12.68 14.44 -17.33
CA THR C 24 12.02 13.68 -18.38
C THR C 24 10.64 13.28 -17.87
N LYS C 25 9.97 12.36 -18.57
CA LYS C 25 8.62 11.94 -18.18
C LYS C 25 8.56 10.94 -17.00
N PRO C 26 9.37 9.86 -17.02
CA PRO C 26 9.37 8.99 -15.84
C PRO C 26 9.96 9.71 -14.62
N ALA C 27 10.80 10.71 -14.87
CA ALA C 27 11.35 11.55 -13.80
C ALA C 27 10.25 12.30 -13.04
N ILE C 28 9.21 12.71 -13.78
CA ILE C 28 8.06 13.39 -13.20
C ILE C 28 7.35 12.45 -12.24
N ARG C 29 7.16 11.22 -12.69
CA ARG C 29 6.50 10.20 -11.90
C ARG C 29 7.21 9.99 -10.56
N ARG C 30 8.54 9.84 -10.60
CA ARG C 30 9.30 9.63 -9.37
C ARG C 30 9.22 10.85 -8.46
N LEU C 31 9.32 12.03 -9.06
CA LEU C 31 9.21 13.29 -8.35
C LEU C 31 7.87 13.37 -7.63
N ALA C 32 6.80 13.13 -8.38
CA ALA C 32 5.44 13.13 -7.82
C ALA C 32 5.30 12.20 -6.61
N ARG C 33 5.78 10.97 -6.75
CA ARG C 33 5.70 10.01 -5.65
C ARG C 33 6.56 10.45 -4.47
N ARG C 34 7.69 11.11 -4.74
CA ARG C 34 8.53 11.64 -3.66
C ARG C 34 7.95 12.94 -3.10
N GLY C 35 6.90 13.45 -3.77
CA GLY C 35 6.28 14.69 -3.35
C GLY C 35 7.18 15.90 -3.58
N GLY C 36 8.20 15.74 -4.43
CA GLY C 36 9.16 16.80 -4.65
C GLY C 36 9.90 17.25 -3.39
N VAL C 37 9.92 16.41 -2.36
CA VAL C 37 10.60 16.77 -1.12
C VAL C 37 11.66 15.76 -0.67
N LYS C 38 12.22 15.01 -1.62
CA LYS C 38 13.32 14.10 -1.31
C LYS C 38 14.66 14.83 -1.36
N1A COA D . 20.73 -17.93 -21.15
C2A COA D . 21.52 -18.10 -20.06
N3A COA D . 21.69 -19.35 -19.55
C4A COA D . 21.33 -20.46 -20.24
C5A COA D . 20.65 -20.28 -21.47
C6A COA D . 20.40 -18.96 -21.93
N6A COA D . 19.51 -18.76 -23.06
N7A COA D . 20.39 -21.50 -21.96
C8A COA D . 20.86 -22.43 -21.12
N9A COA D . 21.43 -21.84 -20.04
C1B COA D . 22.05 -22.58 -18.91
C2B COA D . 23.18 -21.83 -18.29
O2B COA D . 24.25 -22.65 -17.96
C3B COA D . 22.55 -21.31 -17.07
O3B COA D . 23.49 -20.91 -16.14
P3B COA D . 23.76 -19.36 -15.98
O7A COA D . 25.08 -19.01 -16.64
O8A COA D . 23.84 -19.01 -14.52
O9A COA D . 22.64 -18.57 -16.63
C4B COA D . 21.75 -22.50 -16.66
O4B COA D . 21.15 -22.90 -17.88
C5B COA D . 20.73 -22.24 -15.56
O5B COA D . 21.26 -21.40 -14.57
P1A COA D . 21.55 -21.96 -13.13
O1A COA D . 22.56 -21.05 -12.47
O2A COA D . 22.16 -23.34 -13.30
O3A COA D . 20.21 -21.98 -12.25
P2A COA D . 19.73 -23.13 -11.27
O4A COA D . 20.61 -24.34 -11.37
O5A COA D . 18.42 -23.57 -11.85
O6A COA D . 19.57 -22.71 -9.66
CBP COA D . 19.80 -20.66 -8.22
CCP COA D . 20.48 -21.88 -8.95
CDP COA D . 19.60 -19.54 -9.25
CEP COA D . 18.41 -21.06 -7.80
CAP COA D . 20.62 -20.09 -7.03
OAP COA D . 21.57 -19.24 -7.60
C9P COA D . 20.11 -19.31 -5.78
O9P COA D . 19.14 -19.63 -5.11
N8P COA D . 20.90 -18.14 -5.39
C7P COA D . 20.71 -17.24 -4.26
C6P COA D . 19.29 -16.81 -3.96
C5P COA D . 18.88 -15.59 -4.80
O5P COA D . 19.69 -14.70 -5.06
N4P COA D . 17.50 -15.50 -5.30
C3P COA D . 17.09 -14.36 -6.10
C2P COA D . 16.69 -13.21 -5.21
S1P COA D . 15.15 -13.60 -4.41
#